data_6BYK
#
_entry.id   6BYK
#
_cell.length_a   82.670
_cell.length_b   71.450
_cell.length_c   95.759
_cell.angle_alpha   90.000
_cell.angle_beta   111.610
_cell.angle_gamma   90.000
#
_symmetry.space_group_name_H-M   'P 1 21 1'
#
loop_
_entity.id
_entity.type
_entity.pdbx_description
1 polymer '14-3-3 protein beta/alpha'
2 polymer 'ATPPVSQASSTT O-GlcNac peptide'
3 non-polymer 2-acetamido-2-deoxy-beta-D-glucopyranose
#
loop_
_entity_poly.entity_id
_entity_poly.type
_entity_poly.pdbx_seq_one_letter_code
_entity_poly.pdbx_strand_id
1 'polypeptide(L)'
;MDKSELVQKAKLAEQAERYDDMAAAMKAVTEQGHELSNEERNLLSVAYKNVVGARRSSWRVISSIEQKTERNEKKQQMGK
EYREKIEAELQDICNDVLELLDKYLIPNATQPESKVFYLKMKGDYFRYLSEVASGDNKQTTVSNSQQAYQEAFEISKKEM
QPTHPIRLGLALNFSVFYYEILNSPEKACSLAKTAFDEAIAELDTLNEESYKDSTLIMQLLRDNLTLWTS
;
A,B,C,D
2 'polypeptide(L)' ATPPVSQASSTT G,J,K,R
#
loop_
_chem_comp.id
_chem_comp.type
_chem_comp.name
_chem_comp.formula
NAG D-saccharide, beta linking 2-acetamido-2-deoxy-beta-D-glucopyranose 'C8 H15 N O6'
#
# COMPACT_ATOMS: atom_id res chain seq x y z
N MET A 1 -7.84 24.62 -12.14
CA MET A 1 -8.80 25.36 -12.95
C MET A 1 -10.20 24.77 -12.82
N ASP A 2 -11.22 25.62 -12.99
CA ASP A 2 -12.61 25.17 -12.91
C ASP A 2 -12.89 24.01 -13.86
N LYS A 3 -13.78 23.12 -13.45
CA LYS A 3 -14.29 22.10 -14.35
C LYS A 3 -14.87 22.80 -15.58
N SER A 4 -15.65 23.83 -15.31
CA SER A 4 -16.30 24.63 -16.35
C SER A 4 -15.33 25.01 -17.47
N GLU A 5 -14.16 25.50 -17.10
CA GLU A 5 -13.13 25.84 -18.08
C GLU A 5 -12.68 24.59 -18.82
N LEU A 6 -12.25 23.60 -18.06
CA LEU A 6 -11.77 22.34 -18.63
C LEU A 6 -12.80 21.70 -19.55
N VAL A 7 -14.06 21.72 -19.14
CA VAL A 7 -15.11 21.09 -19.92
C VAL A 7 -15.32 21.86 -21.21
N GLN A 8 -15.27 23.19 -21.15
CA GLN A 8 -15.42 24.01 -22.35
C GLN A 8 -14.22 23.80 -23.27
N LYS A 9 -13.01 23.89 -22.71
CA LYS A 9 -11.80 23.62 -23.48
C LYS A 9 -11.88 22.25 -24.12
N ALA A 10 -12.48 21.29 -23.39
CA ALA A 10 -12.64 19.93 -23.88
C ALA A 10 -13.66 19.88 -25.03
N LYS A 11 -14.70 20.70 -24.95
CA LYS A 11 -15.70 20.76 -26.01
C LYS A 11 -15.11 21.44 -27.24
N LEU A 12 -14.40 22.54 -27.01
CA LEU A 12 -13.68 23.22 -28.07
C LEU A 12 -12.74 22.24 -28.77
N ALA A 13 -12.03 21.46 -27.95
CA ALA A 13 -11.09 20.48 -28.45
C ALA A 13 -11.78 19.46 -29.36
N GLU A 14 -12.99 19.04 -28.96
CA GLU A 14 -13.73 18.06 -29.73
C GLU A 14 -14.02 18.57 -31.14
N GLN A 15 -14.58 19.78 -31.23
CA GLN A 15 -14.89 20.37 -32.53
C GLN A 15 -13.63 20.57 -33.36
N ALA A 16 -12.55 20.96 -32.68
CA ALA A 16 -11.26 21.14 -33.34
C ALA A 16 -10.67 19.80 -33.77
N GLU A 17 -11.31 18.70 -33.36
CA GLU A 17 -10.87 17.36 -33.70
C GLU A 17 -9.47 17.08 -33.13
N ARG A 18 -9.17 17.74 -32.01
CA ARG A 18 -7.92 17.53 -31.28
C ARG A 18 -8.20 16.77 -29.98
N TYR A 19 -8.11 15.45 -30.05
CA TYR A 19 -8.59 14.61 -28.95
C TYR A 19 -7.57 14.41 -27.83
N ASP A 20 -6.28 14.52 -28.14
CA ASP A 20 -5.26 14.49 -27.10
C ASP A 20 -5.53 15.60 -26.08
N ASP A 21 -5.81 16.80 -26.59
CA ASP A 21 -6.21 17.93 -25.76
C ASP A 21 -7.48 17.61 -24.98
N MET A 22 -8.48 17.10 -25.68
CA MET A 22 -9.77 16.76 -25.11
C MET A 22 -9.61 15.84 -23.91
N ALA A 23 -8.97 14.69 -24.15
CA ALA A 23 -8.76 13.70 -23.10
C ALA A 23 -7.98 14.28 -21.94
N ALA A 24 -6.87 14.97 -22.25
CA ALA A 24 -6.03 15.57 -21.22
C ALA A 24 -6.84 16.51 -20.33
N ALA A 25 -7.86 17.13 -20.92
CA ALA A 25 -8.72 18.03 -20.17
C ALA A 25 -9.73 17.25 -19.33
N MET A 26 -10.44 16.33 -19.95
CA MET A 26 -11.41 15.50 -19.24
C MET A 26 -10.73 14.70 -18.14
N LYS A 27 -9.45 14.39 -18.35
CA LYS A 27 -8.66 13.72 -17.33
C LYS A 27 -8.48 14.65 -16.14
N ALA A 28 -8.19 15.91 -16.43
CA ALA A 28 -7.97 16.90 -15.38
C ALA A 28 -9.24 17.12 -14.55
N VAL A 29 -10.40 16.99 -15.18
CA VAL A 29 -11.68 17.13 -14.50
C VAL A 29 -11.94 15.93 -13.60
N THR A 30 -11.64 14.73 -14.11
CA THR A 30 -11.79 13.51 -13.33
C THR A 30 -10.95 13.57 -12.05
N GLU A 31 -9.70 13.99 -12.20
CA GLU A 31 -8.76 14.01 -11.08
C GLU A 31 -9.15 14.99 -9.98
N GLN A 32 -10.13 15.86 -10.26
CA GLN A 32 -10.61 16.79 -9.25
C GLN A 32 -11.37 16.05 -8.15
N GLY A 33 -11.79 14.82 -8.45
CA GLY A 33 -12.32 13.92 -7.44
C GLY A 33 -13.82 14.04 -7.19
N HIS A 34 -14.55 14.47 -8.22
CA HIS A 34 -16.00 14.64 -8.11
C HIS A 34 -16.70 13.93 -9.25
N GLU A 35 -17.81 13.26 -8.92
CA GLU A 35 -18.56 12.47 -9.89
C GLU A 35 -18.93 13.29 -11.12
N LEU A 36 -18.76 12.69 -12.30
CA LEU A 36 -19.03 13.37 -13.55
C LEU A 36 -20.52 13.45 -13.84
N SER A 37 -20.95 14.55 -14.44
CA SER A 37 -22.29 14.64 -14.99
C SER A 37 -22.33 13.74 -16.23
N ASN A 38 -23.53 13.31 -16.62
CA ASN A 38 -23.67 12.44 -17.79
C ASN A 38 -23.08 13.08 -19.04
N GLU A 39 -22.91 14.40 -19.01
CA GLU A 39 -22.27 15.13 -20.09
C GLU A 39 -20.75 14.96 -20.01
N GLU A 40 -20.21 15.24 -18.83
CA GLU A 40 -18.77 15.13 -18.58
C GLU A 40 -18.31 13.68 -18.71
N ARG A 41 -19.22 12.76 -18.43
CA ARG A 41 -18.90 11.34 -18.49
C ARG A 41 -18.83 10.88 -19.95
N ASN A 42 -19.54 11.57 -20.83
CA ASN A 42 -19.57 11.22 -22.24
C ASN A 42 -18.46 11.94 -23.02
N LEU A 43 -17.97 13.05 -22.48
CA LEU A 43 -16.83 13.74 -23.07
C LEU A 43 -15.57 12.91 -22.87
N LEU A 44 -15.34 12.48 -21.64
CA LEU A 44 -14.21 11.62 -21.30
C LEU A 44 -14.22 10.36 -22.16
N SER A 45 -15.38 9.68 -22.16
CA SER A 45 -15.55 8.46 -22.95
C SER A 45 -15.20 8.67 -24.41
N VAL A 46 -15.70 9.76 -24.99
CA VAL A 46 -15.42 10.07 -26.38
C VAL A 46 -13.94 10.41 -26.58
N ALA A 47 -13.42 11.24 -25.70
CA ALA A 47 -12.03 11.71 -25.80
C ALA A 47 -11.06 10.55 -25.95
N TYR A 48 -11.11 9.63 -25.00
CA TYR A 48 -10.16 8.53 -24.97
C TYR A 48 -10.46 7.47 -26.02
N LYS A 49 -11.71 7.37 -26.44
CA LYS A 49 -12.08 6.41 -27.48
C LYS A 49 -11.35 6.77 -28.76
N ASN A 50 -11.20 8.06 -29.02
CA ASN A 50 -10.50 8.52 -30.21
C ASN A 50 -8.99 8.51 -30.03
N VAL A 51 -8.53 8.93 -28.86
CA VAL A 51 -7.10 8.93 -28.56
C VAL A 51 -6.54 7.52 -28.70
N VAL A 52 -7.32 6.53 -28.32
CA VAL A 52 -6.84 5.15 -28.38
C VAL A 52 -7.09 4.57 -29.78
N GLY A 53 -8.26 4.84 -30.34
CA GLY A 53 -8.63 4.32 -31.65
C GLY A 53 -7.59 4.64 -32.71
N ALA A 54 -6.87 5.74 -32.51
CA ALA A 54 -5.79 6.14 -33.40
C ALA A 54 -4.64 5.16 -33.36
N ARG A 55 -4.16 4.88 -32.15
CA ARG A 55 -3.06 3.95 -31.97
C ARG A 55 -3.45 2.53 -32.37
N ARG A 56 -4.71 2.19 -32.13
CA ARG A 56 -5.21 0.87 -32.49
C ARG A 56 -5.07 0.67 -34.00
N SER A 57 -5.65 1.60 -34.76
CA SER A 57 -5.58 1.52 -36.21
C SER A 57 -4.15 1.64 -36.71
N SER A 58 -3.36 2.50 -36.06
CA SER A 58 -1.94 2.61 -36.39
C SER A 58 -1.28 1.26 -36.19
N TRP A 59 -1.47 0.69 -35.00
CA TRP A 59 -0.90 -0.61 -34.66
C TRP A 59 -1.29 -1.69 -35.65
N ARG A 60 -2.58 -1.80 -35.93
CA ARG A 60 -3.10 -2.81 -36.84
C ARG A 60 -2.47 -2.70 -38.23
N VAL A 61 -2.34 -1.47 -38.72
CA VAL A 61 -1.75 -1.24 -40.04
C VAL A 61 -0.31 -1.74 -40.09
N ILE A 62 0.51 -1.27 -39.15
CA ILE A 62 1.91 -1.69 -39.09
C ILE A 62 2.01 -3.20 -38.89
N SER A 63 0.98 -3.81 -38.33
CA SER A 63 0.94 -5.26 -38.14
C SER A 63 0.61 -5.99 -39.44
N SER A 64 -0.18 -5.34 -40.29
CA SER A 64 -0.51 -5.89 -41.60
C SER A 64 0.65 -5.70 -42.57
N ILE A 65 1.40 -4.62 -42.38
CA ILE A 65 2.58 -4.36 -43.21
C ILE A 65 3.73 -5.28 -42.81
N GLU A 66 3.90 -5.47 -41.51
CA GLU A 66 4.92 -6.36 -41.00
C GLU A 66 4.61 -7.80 -41.40
N GLN A 67 3.38 -8.04 -41.82
CA GLN A 67 2.95 -9.34 -42.32
C GLN A 67 3.45 -9.55 -43.75
N LYS A 68 3.55 -8.46 -44.51
CA LYS A 68 3.95 -8.52 -45.91
C LYS A 68 5.36 -9.07 -46.07
N THR A 69 5.63 -9.56 -47.27
CA THR A 69 6.91 -10.18 -47.58
C THR A 69 8.02 -9.12 -47.69
N GLU A 70 8.69 -8.86 -46.58
CA GLU A 70 9.73 -7.83 -46.51
C GLU A 70 11.13 -8.43 -46.49
N ARG A 71 11.97 -8.01 -47.43
CA ARG A 71 13.32 -8.57 -47.58
C ARG A 71 14.32 -7.88 -46.67
N ASN A 72 14.34 -6.56 -46.72
CA ASN A 72 15.29 -5.77 -45.95
C ASN A 72 15.09 -6.04 -44.47
N GLU A 73 16.04 -6.76 -43.87
CA GLU A 73 16.01 -7.05 -42.44
C GLU A 73 15.91 -5.76 -41.65
N LYS A 74 16.52 -4.70 -42.17
CA LYS A 74 16.40 -3.39 -41.56
C LYS A 74 14.93 -2.95 -41.63
N LYS A 75 14.36 -2.90 -42.83
CA LYS A 75 12.95 -2.53 -43.00
C LYS A 75 12.04 -3.41 -42.14
N GLN A 76 12.51 -4.62 -41.83
CA GLN A 76 11.76 -5.54 -41.00
C GLN A 76 11.97 -5.23 -39.52
N GLN A 77 13.17 -4.76 -39.19
CA GLN A 77 13.51 -4.40 -37.82
C GLN A 77 12.74 -3.15 -37.39
N MET A 78 12.79 -2.10 -38.22
CA MET A 78 12.14 -0.84 -37.90
C MET A 78 10.64 -1.06 -37.81
N GLY A 79 10.14 -2.01 -38.59
CA GLY A 79 8.74 -2.37 -38.56
C GLY A 79 8.33 -2.84 -37.18
N LYS A 80 9.18 -3.65 -36.56
CA LYS A 80 8.91 -4.15 -35.22
C LYS A 80 9.09 -3.04 -34.20
N GLU A 81 10.18 -2.29 -34.31
CA GLU A 81 10.45 -1.17 -33.41
C GLU A 81 9.30 -0.16 -33.43
N TYR A 82 8.69 0.01 -34.60
CA TYR A 82 7.60 0.97 -34.75
C TYR A 82 6.31 0.39 -34.19
N ARG A 83 6.05 -0.88 -34.50
CA ARG A 83 4.87 -1.54 -33.96
C ARG A 83 4.94 -1.53 -32.44
N GLU A 84 6.15 -1.65 -31.91
CA GLU A 84 6.35 -1.68 -30.46
C GLU A 84 6.29 -0.29 -29.85
N LYS A 85 6.72 0.70 -30.62
CA LYS A 85 6.58 2.09 -30.22
C LYS A 85 5.10 2.42 -30.05
N ILE A 86 4.31 2.01 -31.03
CA ILE A 86 2.88 2.27 -31.03
C ILE A 86 2.19 1.49 -29.91
N GLU A 87 2.71 0.31 -29.59
CA GLU A 87 2.14 -0.49 -28.52
C GLU A 87 2.31 0.21 -27.18
N ALA A 88 3.54 0.56 -26.86
CA ALA A 88 3.84 1.26 -25.60
C ALA A 88 2.96 2.49 -25.46
N GLU A 89 2.65 3.14 -26.59
CA GLU A 89 1.72 4.26 -26.59
C GLU A 89 0.30 3.79 -26.30
N LEU A 90 -0.12 2.75 -27.02
CA LEU A 90 -1.44 2.15 -26.83
C LEU A 90 -1.61 1.70 -25.38
N GLN A 91 -0.51 1.26 -24.79
CA GLN A 91 -0.53 0.78 -23.41
C GLN A 91 -0.68 1.92 -22.40
N ASP A 92 0.05 3.00 -22.60
CA ASP A 92 -0.02 4.15 -21.69
C ASP A 92 -1.44 4.70 -21.62
N ILE A 93 -2.06 4.85 -22.78
CA ILE A 93 -3.43 5.36 -22.87
C ILE A 93 -4.39 4.50 -22.04
N CYS A 94 -4.28 3.19 -22.18
CA CYS A 94 -5.14 2.26 -21.46
C CYS A 94 -4.92 2.33 -19.95
N ASN A 95 -3.66 2.30 -19.55
CA ASN A 95 -3.30 2.37 -18.14
C ASN A 95 -3.84 3.65 -17.49
N ASP A 96 -3.67 4.76 -18.21
CA ASP A 96 -4.15 6.05 -17.74
C ASP A 96 -5.65 6.05 -17.52
N VAL A 97 -6.40 5.46 -18.45
CA VAL A 97 -7.84 5.37 -18.30
C VAL A 97 -8.21 4.40 -17.19
N LEU A 98 -7.60 3.20 -17.21
CA LEU A 98 -7.86 2.20 -16.18
C LEU A 98 -7.47 2.71 -14.80
N GLU A 99 -6.49 3.61 -14.77
CA GLU A 99 -6.12 4.28 -13.53
C GLU A 99 -7.27 5.16 -13.05
N LEU A 100 -7.81 5.96 -13.97
CA LEU A 100 -8.92 6.86 -13.65
C LEU A 100 -10.17 6.11 -13.20
N LEU A 101 -10.46 5.01 -13.89
CA LEU A 101 -11.60 4.16 -13.54
C LEU A 101 -11.44 3.64 -12.11
N ASP A 102 -10.25 3.14 -11.79
CA ASP A 102 -10.00 2.57 -10.48
C ASP A 102 -9.94 3.62 -9.38
N LYS A 103 -9.09 4.62 -9.56
CA LYS A 103 -8.85 5.61 -8.51
C LYS A 103 -10.06 6.52 -8.28
N TYR A 104 -10.59 7.10 -9.35
CA TYR A 104 -11.62 8.14 -9.23
C TYR A 104 -13.03 7.72 -9.66
N LEU A 105 -13.19 7.30 -10.91
CA LEU A 105 -14.53 7.18 -11.50
C LEU A 105 -15.39 6.06 -10.89
N ILE A 106 -14.94 4.81 -10.97
CA ILE A 106 -15.75 3.69 -10.48
C ILE A 106 -16.07 3.81 -8.98
N PRO A 107 -15.08 4.16 -8.14
CA PRO A 107 -15.43 4.24 -6.72
C PRO A 107 -16.41 5.37 -6.41
N ASN A 108 -16.28 6.50 -7.09
CA ASN A 108 -17.16 7.64 -6.88
C ASN A 108 -18.54 7.45 -7.49
N ALA A 109 -18.66 6.45 -8.37
CA ALA A 109 -19.95 6.14 -9.01
C ALA A 109 -21.03 5.94 -7.96
N THR A 110 -22.18 6.58 -8.19
CA THR A 110 -23.26 6.64 -7.21
C THR A 110 -24.52 5.98 -7.76
N GLN A 111 -24.80 6.19 -9.04
CA GLN A 111 -25.98 5.62 -9.66
C GLN A 111 -25.64 4.31 -10.37
N PRO A 112 -26.62 3.38 -10.44
CA PRO A 112 -26.41 2.11 -11.14
C PRO A 112 -25.96 2.29 -12.60
N GLU A 113 -26.53 3.28 -13.28
CA GLU A 113 -26.14 3.59 -14.65
C GLU A 113 -24.64 3.86 -14.77
N SER A 114 -24.15 4.78 -13.95
CA SER A 114 -22.74 5.16 -13.96
C SER A 114 -21.82 3.97 -13.73
N LYS A 115 -22.09 3.24 -12.64
CA LYS A 115 -21.30 2.07 -12.27
C LYS A 115 -21.13 1.11 -13.44
N VAL A 116 -22.26 0.70 -14.03
CA VAL A 116 -22.26 -0.17 -15.20
C VAL A 116 -21.44 0.42 -16.34
N PHE A 117 -21.58 1.73 -16.55
CA PHE A 117 -20.90 2.42 -17.63
C PHE A 117 -19.38 2.32 -17.48
N TYR A 118 -18.89 2.68 -16.29
CA TYR A 118 -17.46 2.67 -16.04
C TYR A 118 -16.90 1.24 -16.02
N LEU A 119 -17.72 0.27 -15.64
CA LEU A 119 -17.28 -1.12 -15.63
C LEU A 119 -17.13 -1.65 -17.05
N LYS A 120 -17.98 -1.16 -17.95
CA LYS A 120 -17.88 -1.51 -19.36
C LYS A 120 -16.60 -0.90 -19.95
N MET A 121 -16.28 0.30 -19.49
CA MET A 121 -15.09 1.01 -19.93
C MET A 121 -13.84 0.28 -19.47
N LYS A 122 -13.86 -0.15 -18.21
CA LYS A 122 -12.78 -0.94 -17.64
C LYS A 122 -12.54 -2.20 -18.49
N GLY A 123 -13.63 -2.86 -18.88
CA GLY A 123 -13.54 -4.04 -19.70
C GLY A 123 -12.93 -3.74 -21.05
N ASP A 124 -13.33 -2.61 -21.63
CA ASP A 124 -12.84 -2.19 -22.94
C ASP A 124 -11.33 -1.96 -22.95
N TYR A 125 -10.84 -1.15 -22.03
CA TYR A 125 -9.43 -0.77 -22.04
C TYR A 125 -8.53 -1.87 -21.49
N PHE A 126 -9.13 -2.99 -21.07
CA PHE A 126 -8.36 -4.21 -20.83
C PHE A 126 -8.37 -5.03 -22.11
N ARG A 127 -9.52 -5.05 -22.78
CA ARG A 127 -9.64 -5.71 -24.07
C ARG A 127 -8.68 -5.10 -25.08
N TYR A 128 -8.46 -3.79 -24.98
CA TYR A 128 -7.46 -3.11 -25.81
C TYR A 128 -6.06 -3.58 -25.48
N LEU A 129 -5.75 -3.64 -24.19
CA LEU A 129 -4.44 -4.07 -23.74
C LEU A 129 -4.17 -5.51 -24.17
N SER A 130 -5.21 -6.33 -24.14
CA SER A 130 -5.07 -7.75 -24.47
C SER A 130 -4.78 -7.97 -25.95
N GLU A 131 -5.09 -6.97 -26.78
CA GLU A 131 -4.85 -7.07 -28.21
C GLU A 131 -3.37 -6.95 -28.54
N VAL A 132 -2.63 -6.21 -27.71
CA VAL A 132 -1.20 -5.99 -27.92
C VAL A 132 -0.36 -6.51 -26.76
N ALA A 133 -0.93 -7.44 -25.98
CA ALA A 133 -0.22 -8.05 -24.86
C ALA A 133 0.51 -9.30 -25.31
N SER A 134 1.41 -9.80 -24.47
CA SER A 134 2.24 -10.94 -24.82
C SER A 134 2.66 -11.75 -23.60
N GLY A 135 2.95 -13.03 -23.82
CA GLY A 135 3.41 -13.90 -22.76
C GLY A 135 2.33 -14.16 -21.73
N ASP A 136 2.70 -14.00 -20.46
CA ASP A 136 1.78 -14.20 -19.34
C ASP A 136 0.93 -12.97 -19.10
N ASN A 137 1.49 -11.81 -19.42
CA ASN A 137 0.79 -10.54 -19.26
C ASN A 137 -0.53 -10.52 -20.03
N LYS A 138 -0.63 -11.35 -21.06
CA LYS A 138 -1.83 -11.42 -21.88
C LYS A 138 -2.99 -12.06 -21.12
N GLN A 139 -2.75 -13.24 -20.56
CA GLN A 139 -3.78 -13.97 -19.83
C GLN A 139 -4.41 -13.13 -18.72
N THR A 140 -3.57 -12.35 -18.04
CA THR A 140 -4.03 -11.44 -17.00
C THR A 140 -5.02 -10.42 -17.56
N THR A 141 -4.65 -9.76 -18.65
CA THR A 141 -5.47 -8.69 -19.22
C THR A 141 -6.80 -9.24 -19.75
N VAL A 142 -6.73 -10.33 -20.51
CA VAL A 142 -7.93 -10.97 -21.05
C VAL A 142 -8.91 -11.28 -19.94
N SER A 143 -8.38 -11.75 -18.82
CA SER A 143 -9.21 -12.12 -17.68
C SER A 143 -9.84 -10.90 -17.01
N ASN A 144 -9.02 -9.88 -16.74
CA ASN A 144 -9.50 -8.66 -16.11
C ASN A 144 -10.63 -8.02 -16.89
N SER A 145 -10.52 -8.05 -18.21
CA SER A 145 -11.55 -7.53 -19.10
C SER A 145 -12.89 -8.20 -18.82
N GLN A 146 -12.87 -9.52 -18.72
CA GLN A 146 -14.06 -10.30 -18.49
C GLN A 146 -14.68 -10.02 -17.12
N GLN A 147 -13.82 -9.80 -16.12
CA GLN A 147 -14.30 -9.43 -14.79
C GLN A 147 -15.10 -8.14 -14.83
N ALA A 148 -14.52 -7.12 -15.45
CA ALA A 148 -15.16 -5.81 -15.57
C ALA A 148 -16.46 -5.90 -16.34
N TYR A 149 -16.42 -6.51 -17.51
CA TYR A 149 -17.61 -6.74 -18.32
C TYR A 149 -18.67 -7.47 -17.53
N GLN A 150 -18.27 -8.55 -16.87
CA GLN A 150 -19.22 -9.41 -16.18
C GLN A 150 -19.86 -8.67 -15.01
N GLU A 151 -19.05 -7.94 -14.24
CA GLU A 151 -19.56 -7.18 -13.10
C GLU A 151 -20.58 -6.16 -13.58
N ALA A 152 -20.23 -5.41 -14.62
CA ALA A 152 -21.16 -4.48 -15.24
C ALA A 152 -22.48 -5.18 -15.56
N PHE A 153 -22.36 -6.36 -16.15
CA PHE A 153 -23.50 -7.08 -16.68
C PHE A 153 -24.55 -7.43 -15.63
N GLU A 154 -24.10 -7.95 -14.49
CA GLU A 154 -25.02 -8.35 -13.45
C GLU A 154 -25.65 -7.15 -12.76
N ILE A 155 -24.98 -6.00 -12.83
CA ILE A 155 -25.59 -4.77 -12.34
C ILE A 155 -26.67 -4.30 -13.33
N SER A 156 -26.37 -4.43 -14.62
CA SER A 156 -27.31 -3.98 -15.65
C SER A 156 -28.57 -4.84 -15.65
N LYS A 157 -28.40 -6.13 -15.35
CA LYS A 157 -29.52 -7.05 -15.29
C LYS A 157 -30.46 -6.71 -14.14
N LYS A 158 -29.87 -6.22 -13.05
CA LYS A 158 -30.59 -6.04 -11.80
C LYS A 158 -31.09 -4.61 -11.61
N GLU A 159 -30.53 -3.67 -12.38
CA GLU A 159 -30.78 -2.24 -12.16
C GLU A 159 -31.29 -1.50 -13.38
N MET A 160 -31.34 -2.18 -14.53
CA MET A 160 -31.61 -1.49 -15.79
C MET A 160 -32.52 -2.29 -16.71
N GLN A 161 -33.24 -1.57 -17.56
CA GLN A 161 -34.18 -2.15 -18.51
C GLN A 161 -33.40 -2.71 -19.70
N PRO A 162 -33.89 -3.82 -20.30
CA PRO A 162 -33.20 -4.42 -21.44
C PRO A 162 -32.94 -3.46 -22.60
N THR A 163 -33.74 -2.41 -22.70
CA THR A 163 -33.65 -1.47 -23.80
C THR A 163 -32.78 -0.26 -23.47
N HIS A 164 -32.28 -0.20 -22.24
CA HIS A 164 -31.44 0.91 -21.83
C HIS A 164 -30.13 0.88 -22.64
N PRO A 165 -29.80 1.99 -23.33
CA PRO A 165 -28.61 2.04 -24.18
C PRO A 165 -27.31 1.54 -23.52
N ILE A 166 -27.08 1.95 -22.28
CA ILE A 166 -25.87 1.57 -21.57
C ILE A 166 -25.79 0.05 -21.40
N ARG A 167 -26.94 -0.58 -21.19
CA ARG A 167 -27.00 -2.03 -21.09
C ARG A 167 -26.92 -2.67 -22.47
N LEU A 168 -27.63 -2.08 -23.43
CA LEU A 168 -27.51 -2.48 -24.83
C LEU A 168 -26.07 -2.33 -25.29
N GLY A 169 -25.41 -1.29 -24.78
CA GLY A 169 -24.03 -1.02 -25.13
C GLY A 169 -23.12 -2.10 -24.59
N LEU A 170 -23.25 -2.39 -23.30
CA LEU A 170 -22.47 -3.44 -22.66
C LEU A 170 -22.62 -4.77 -23.38
N ALA A 171 -23.86 -5.14 -23.69
CA ALA A 171 -24.14 -6.38 -24.39
C ALA A 171 -23.33 -6.48 -25.68
N LEU A 172 -23.32 -5.40 -26.44
CA LEU A 172 -22.60 -5.35 -27.71
C LEU A 172 -21.10 -5.64 -27.53
N ASN A 173 -20.42 -4.79 -26.77
CA ASN A 173 -18.97 -4.92 -26.56
C ASN A 173 -18.58 -6.25 -25.93
N PHE A 174 -19.38 -6.70 -24.97
CA PHE A 174 -19.08 -7.95 -24.27
C PHE A 174 -19.22 -9.13 -25.24
N SER A 175 -20.29 -9.11 -26.04
CA SER A 175 -20.48 -10.14 -27.07
C SER A 175 -19.31 -10.10 -28.04
N VAL A 176 -18.89 -8.90 -28.38
CA VAL A 176 -17.74 -8.72 -29.28
C VAL A 176 -16.47 -9.23 -28.61
N PHE A 177 -16.33 -8.97 -27.32
CA PHE A 177 -15.16 -9.42 -26.57
C PHE A 177 -14.98 -10.93 -26.72
N TYR A 178 -16.07 -11.66 -26.52
CA TYR A 178 -16.06 -13.12 -26.69
C TYR A 178 -15.59 -13.51 -28.07
N TYR A 179 -16.08 -12.80 -29.09
CA TYR A 179 -15.85 -13.18 -30.47
C TYR A 179 -14.41 -12.97 -30.92
N GLU A 180 -13.85 -11.81 -30.62
CA GLU A 180 -12.51 -11.46 -31.07
C GLU A 180 -11.43 -11.94 -30.12
N ILE A 181 -11.57 -11.62 -28.84
CA ILE A 181 -10.53 -11.91 -27.85
C ILE A 181 -10.47 -13.40 -27.51
N LEU A 182 -11.59 -13.98 -27.08
CA LEU A 182 -11.60 -15.39 -26.66
C LEU A 182 -11.88 -16.34 -27.82
N ASN A 183 -12.11 -15.79 -29.01
CA ASN A 183 -12.37 -16.59 -30.19
C ASN A 183 -13.45 -17.64 -29.92
N SER A 184 -14.62 -17.16 -29.51
CA SER A 184 -15.74 -18.04 -29.21
C SER A 184 -17.03 -17.48 -29.80
N PRO A 185 -17.38 -17.92 -31.02
CA PRO A 185 -18.58 -17.41 -31.69
C PRO A 185 -19.88 -17.71 -30.94
N GLU A 186 -20.00 -18.92 -30.41
CA GLU A 186 -21.23 -19.33 -29.72
C GLU A 186 -21.61 -18.37 -28.59
N LYS A 187 -20.66 -18.12 -27.69
CA LYS A 187 -20.89 -17.19 -26.59
C LYS A 187 -21.20 -15.80 -27.11
N ALA A 188 -20.50 -15.40 -28.16
CA ALA A 188 -20.71 -14.08 -28.76
C ALA A 188 -22.14 -13.93 -29.29
N CYS A 189 -22.55 -14.90 -30.10
CA CYS A 189 -23.91 -14.90 -30.65
C CYS A 189 -24.93 -15.10 -29.54
N SER A 190 -24.57 -15.90 -28.54
CA SER A 190 -25.45 -16.17 -27.40
C SER A 190 -25.81 -14.90 -26.66
N LEU A 191 -24.79 -14.11 -26.32
CA LEU A 191 -24.99 -12.89 -25.55
C LEU A 191 -25.73 -11.84 -26.37
N ALA A 192 -25.44 -11.77 -27.65
CA ALA A 192 -26.05 -10.78 -28.52
C ALA A 192 -27.55 -11.01 -28.69
N LYS A 193 -27.92 -12.25 -29.03
CA LYS A 193 -29.32 -12.61 -29.27
C LYS A 193 -30.17 -12.38 -28.03
N THR A 194 -29.65 -12.79 -26.88
CA THR A 194 -30.35 -12.58 -25.61
C THR A 194 -30.60 -11.10 -25.37
N ALA A 195 -29.54 -10.31 -25.45
CA ALA A 195 -29.64 -8.87 -25.26
C ALA A 195 -30.61 -8.23 -26.26
N PHE A 196 -30.81 -8.90 -27.38
CA PHE A 196 -31.65 -8.37 -28.45
C PHE A 196 -33.12 -8.73 -28.26
N ASP A 197 -33.38 -9.99 -27.92
CA ASP A 197 -34.75 -10.48 -27.78
C ASP A 197 -35.40 -9.94 -26.51
N GLU A 198 -34.60 -9.81 -25.45
CA GLU A 198 -35.05 -9.18 -24.22
C GLU A 198 -35.44 -7.73 -24.47
N ALA A 199 -34.88 -7.14 -25.53
CA ALA A 199 -35.12 -5.75 -25.85
C ALA A 199 -36.45 -5.55 -26.59
N ILE A 200 -36.67 -6.33 -27.64
CA ILE A 200 -37.90 -6.20 -28.43
C ILE A 200 -39.13 -6.60 -27.60
N ALA A 201 -38.91 -7.39 -26.55
CA ALA A 201 -39.97 -7.79 -25.65
C ALA A 201 -40.60 -6.58 -24.96
N GLU A 202 -39.81 -5.52 -24.80
CA GLU A 202 -40.27 -4.31 -24.14
C GLU A 202 -39.89 -3.06 -24.93
N LEU A 203 -39.95 -3.17 -26.25
CA LEU A 203 -39.52 -2.10 -27.14
C LEU A 203 -40.72 -1.32 -27.66
N ASP A 204 -41.92 -1.79 -27.33
CA ASP A 204 -43.16 -1.16 -27.79
C ASP A 204 -43.63 -0.13 -26.77
N THR A 205 -43.32 -0.36 -25.51
CA THR A 205 -43.74 0.54 -24.44
C THR A 205 -42.86 1.78 -24.35
N LEU A 206 -41.57 1.64 -24.67
CA LEU A 206 -40.69 2.79 -24.80
C LEU A 206 -40.78 3.32 -26.23
N ASN A 207 -40.98 4.64 -26.37
CA ASN A 207 -41.21 5.24 -27.69
C ASN A 207 -40.44 6.52 -28.02
N GLU A 208 -40.20 6.71 -29.31
CA GLU A 208 -39.50 7.86 -29.88
C GLU A 208 -38.00 7.92 -29.52
N GLU A 209 -37.55 8.90 -28.74
CA GLU A 209 -36.11 9.15 -28.65
C GLU A 209 -35.37 8.23 -27.68
N SER A 210 -36.06 7.76 -26.64
CA SER A 210 -35.52 6.71 -25.79
C SER A 210 -35.30 5.46 -26.63
N TYR A 211 -35.93 5.45 -27.79
CA TYR A 211 -35.99 4.32 -28.70
C TYR A 211 -35.07 4.52 -29.93
N LYS A 212 -34.47 5.70 -30.05
CA LYS A 212 -33.51 5.98 -31.13
C LYS A 212 -32.14 5.38 -30.83
N ASP A 213 -31.55 5.78 -29.70
CA ASP A 213 -30.21 5.31 -29.33
C ASP A 213 -30.26 3.81 -29.09
N SER A 214 -31.41 3.34 -28.59
CA SER A 214 -31.59 1.94 -28.27
C SER A 214 -31.55 1.07 -29.52
N THR A 215 -32.34 1.44 -30.53
CA THR A 215 -32.38 0.68 -31.78
C THR A 215 -31.05 0.65 -32.49
N LEU A 216 -30.36 1.79 -32.51
CA LEU A 216 -29.07 1.91 -33.17
C LEU A 216 -28.10 0.87 -32.62
N ILE A 217 -28.07 0.71 -31.30
CA ILE A 217 -27.21 -0.27 -30.67
C ILE A 217 -27.71 -1.68 -30.96
N MET A 218 -29.03 -1.84 -30.97
CA MET A 218 -29.64 -3.12 -31.33
C MET A 218 -29.42 -3.41 -32.81
N GLN A 219 -29.12 -2.36 -33.57
CA GLN A 219 -28.79 -2.51 -34.98
C GLN A 219 -27.46 -3.25 -35.10
N LEU A 220 -26.49 -2.82 -34.29
CA LEU A 220 -25.14 -3.35 -34.36
C LEU A 220 -25.11 -4.77 -33.82
N LEU A 221 -25.87 -5.02 -32.77
CA LEU A 221 -26.02 -6.36 -32.22
C LEU A 221 -26.53 -7.31 -33.29
N ARG A 222 -27.46 -6.83 -34.10
CA ARG A 222 -28.05 -7.63 -35.16
C ARG A 222 -27.08 -7.80 -36.33
N ASP A 223 -26.26 -6.78 -36.58
CA ASP A 223 -25.27 -6.84 -37.65
C ASP A 223 -24.18 -7.85 -37.33
N ASN A 224 -23.78 -7.90 -36.07
CA ASN A 224 -22.80 -8.89 -35.64
C ASN A 224 -23.42 -10.29 -35.58
N LEU A 225 -24.65 -10.38 -35.11
CA LEU A 225 -25.34 -11.66 -34.98
C LEU A 225 -25.48 -12.38 -36.31
N THR A 226 -25.59 -11.63 -37.39
CA THR A 226 -25.74 -12.21 -38.72
C THR A 226 -24.39 -12.60 -39.30
N LEU A 227 -23.45 -11.65 -39.31
CA LEU A 227 -22.12 -11.88 -39.82
C LEU A 227 -21.46 -13.10 -39.16
N TRP A 228 -21.53 -13.15 -37.84
CA TRP A 228 -20.88 -14.22 -37.07
C TRP A 228 -21.49 -15.58 -37.36
N THR A 229 -22.81 -15.64 -37.49
CA THR A 229 -23.51 -16.89 -37.75
C THR A 229 -23.37 -17.37 -39.20
N SER A 230 -22.71 -16.54 -40.02
CA SER A 230 -22.47 -16.88 -41.42
C SER A 230 -20.99 -16.78 -41.75
N MET B 1 9.81 -36.76 16.14
CA MET B 1 8.84 -37.57 15.42
C MET B 1 9.06 -37.46 13.91
N ASP B 2 9.13 -38.61 13.25
CA ASP B 2 9.22 -38.64 11.79
C ASP B 2 7.95 -38.06 11.19
N LYS B 3 8.05 -37.41 10.04
CA LYS B 3 6.89 -36.85 9.37
C LYS B 3 5.88 -37.94 9.06
N SER B 4 6.37 -39.13 8.74
CA SER B 4 5.52 -40.28 8.45
C SER B 4 4.67 -40.66 9.66
N GLU B 5 5.28 -40.59 10.85
CA GLU B 5 4.55 -40.86 12.09
C GLU B 5 3.40 -39.88 12.27
N LEU B 6 3.74 -38.59 12.32
CA LEU B 6 2.77 -37.52 12.51
C LEU B 6 1.62 -37.58 11.51
N VAL B 7 1.95 -37.66 10.23
CA VAL B 7 0.95 -37.67 9.16
C VAL B 7 0.01 -38.86 9.29
N GLN B 8 0.49 -39.93 9.92
CA GLN B 8 -0.37 -41.09 10.15
C GLN B 8 -1.29 -40.86 11.34
N LYS B 9 -0.80 -40.14 12.34
CA LYS B 9 -1.63 -39.77 13.48
C LYS B 9 -2.78 -38.88 13.01
N ALA B 10 -2.50 -38.04 12.02
CA ALA B 10 -3.48 -37.09 11.50
C ALA B 10 -4.49 -37.77 10.58
N LYS B 11 -4.08 -38.84 9.92
CA LYS B 11 -4.99 -39.61 9.07
C LYS B 11 -6.00 -40.35 9.93
N LEU B 12 -5.52 -40.94 11.03
CA LEU B 12 -6.39 -41.59 11.99
C LEU B 12 -7.29 -40.55 12.66
N ALA B 13 -6.69 -39.43 13.04
CA ALA B 13 -7.40 -38.33 13.68
C ALA B 13 -8.56 -37.85 12.81
N GLU B 14 -8.38 -37.93 11.50
CA GLU B 14 -9.41 -37.50 10.57
C GLU B 14 -10.57 -38.49 10.54
N GLN B 15 -10.25 -39.78 10.47
CA GLN B 15 -11.28 -40.81 10.48
C GLN B 15 -12.05 -40.82 11.79
N ALA B 16 -11.37 -40.44 12.86
CA ALA B 16 -11.99 -40.41 14.18
C ALA B 16 -12.72 -39.09 14.44
N GLU B 17 -12.66 -38.18 13.48
CA GLU B 17 -13.26 -36.86 13.62
C GLU B 17 -12.71 -36.15 14.86
N ARG B 18 -11.42 -36.37 15.12
CA ARG B 18 -10.71 -35.70 16.20
C ARG B 18 -9.75 -34.69 15.58
N TYR B 19 -10.28 -33.52 15.23
CA TYR B 19 -9.54 -32.59 14.38
C TYR B 19 -8.53 -31.76 15.14
N ASP B 20 -8.78 -31.52 16.42
CA ASP B 20 -7.81 -30.84 17.26
C ASP B 20 -6.54 -31.70 17.36
N ASP B 21 -6.73 -33.02 17.35
CA ASP B 21 -5.60 -33.94 17.29
C ASP B 21 -4.95 -33.83 15.92
N MET B 22 -5.77 -33.90 14.88
CA MET B 22 -5.30 -33.82 13.51
C MET B 22 -4.50 -32.54 13.28
N ALA B 23 -4.97 -31.45 13.86
CA ALA B 23 -4.32 -30.16 13.70
C ALA B 23 -3.04 -30.09 14.53
N ALA B 24 -3.04 -30.78 15.67
CA ALA B 24 -1.85 -30.81 16.52
C ALA B 24 -0.69 -31.47 15.78
N ALA B 25 -0.98 -32.57 15.10
CA ALA B 25 0.04 -33.31 14.35
C ALA B 25 0.55 -32.49 13.18
N MET B 26 -0.36 -32.12 12.29
CA MET B 26 0.01 -31.37 11.09
C MET B 26 0.70 -30.06 11.44
N LYS B 27 0.42 -29.53 12.62
CA LYS B 27 1.11 -28.33 13.08
C LYS B 27 2.58 -28.66 13.34
N ALA B 28 2.83 -29.85 13.89
CA ALA B 28 4.19 -30.31 14.13
C ALA B 28 4.89 -30.59 12.80
N VAL B 29 4.19 -31.27 11.89
CA VAL B 29 4.71 -31.57 10.57
C VAL B 29 5.19 -30.31 9.85
N THR B 30 4.45 -29.22 10.00
CA THR B 30 4.81 -27.96 9.37
C THR B 30 6.03 -27.34 10.06
N GLU B 31 6.06 -27.43 11.38
CA GLU B 31 7.09 -26.76 12.18
C GLU B 31 8.46 -27.44 12.06
N GLN B 32 8.52 -28.50 11.26
CA GLN B 32 9.80 -29.10 10.91
C GLN B 32 10.45 -28.35 9.75
N GLY B 33 9.79 -27.29 9.29
CA GLY B 33 10.37 -26.35 8.34
C GLY B 33 10.69 -26.90 6.96
N HIS B 34 9.99 -27.95 6.57
CA HIS B 34 10.17 -28.54 5.24
C HIS B 34 8.88 -28.47 4.44
N GLU B 35 9.01 -28.12 3.16
CA GLU B 35 7.88 -27.96 2.26
C GLU B 35 6.92 -29.13 2.33
N LEU B 36 5.63 -28.83 2.27
CA LEU B 36 4.59 -29.84 2.39
C LEU B 36 4.22 -30.41 1.03
N SER B 37 3.98 -31.72 1.01
CA SER B 37 3.49 -32.39 -0.19
C SER B 37 2.01 -32.11 -0.33
N ASN B 38 1.47 -32.35 -1.53
CA ASN B 38 0.07 -32.06 -1.80
C ASN B 38 -0.86 -32.81 -0.85
N GLU B 39 -0.39 -33.93 -0.32
CA GLU B 39 -1.16 -34.71 0.64
C GLU B 39 -1.17 -34.02 2.01
N GLU B 40 0.03 -33.77 2.54
CA GLU B 40 0.19 -33.12 3.83
C GLU B 40 -0.52 -31.77 3.84
N ARG B 41 -0.42 -31.08 2.72
CA ARG B 41 -1.04 -29.79 2.54
C ARG B 41 -2.56 -29.88 2.75
N ASN B 42 -3.18 -30.89 2.13
CA ASN B 42 -4.60 -31.17 2.31
C ASN B 42 -4.93 -31.38 3.78
N LEU B 43 -4.21 -32.30 4.42
CA LEU B 43 -4.47 -32.66 5.80
C LEU B 43 -4.43 -31.43 6.71
N LEU B 44 -3.44 -30.57 6.51
CA LEU B 44 -3.34 -29.33 7.27
C LEU B 44 -4.59 -28.47 7.04
N SER B 45 -4.84 -28.18 5.77
CA SER B 45 -6.00 -27.38 5.37
C SER B 45 -7.30 -27.93 5.96
N VAL B 46 -7.55 -29.21 5.71
CA VAL B 46 -8.76 -29.86 6.17
C VAL B 46 -8.85 -29.83 7.70
N ALA B 47 -7.75 -30.14 8.36
CA ALA B 47 -7.72 -30.20 9.82
C ALA B 47 -8.18 -28.89 10.42
N TYR B 48 -7.40 -27.83 10.23
CA TYR B 48 -7.68 -26.54 10.83
C TYR B 48 -9.01 -25.95 10.37
N LYS B 49 -9.47 -26.36 9.20
CA LYS B 49 -10.77 -25.91 8.72
C LYS B 49 -11.87 -26.44 9.62
N ASN B 50 -11.79 -27.73 9.95
CA ASN B 50 -12.76 -28.34 10.83
C ASN B 50 -12.69 -27.78 12.24
N VAL B 51 -11.48 -27.50 12.70
CA VAL B 51 -11.28 -26.95 14.05
C VAL B 51 -11.90 -25.56 14.14
N VAL B 52 -11.48 -24.65 13.27
CA VAL B 52 -11.98 -23.28 13.30
C VAL B 52 -13.49 -23.28 13.00
N GLY B 53 -13.92 -24.17 12.13
CA GLY B 53 -15.31 -24.24 11.72
C GLY B 53 -16.24 -24.47 12.89
N ALA B 54 -15.78 -25.24 13.86
CA ALA B 54 -16.58 -25.52 15.06
C ALA B 54 -16.85 -24.24 15.83
N ARG B 55 -15.84 -23.40 15.94
CA ARG B 55 -15.97 -22.13 16.66
C ARG B 55 -16.90 -21.19 15.93
N ARG B 56 -16.70 -21.05 14.63
CA ARG B 56 -17.57 -20.23 13.80
C ARG B 56 -19.01 -20.62 14.06
N SER B 57 -19.34 -21.88 13.74
CA SER B 57 -20.68 -22.40 13.90
C SER B 57 -21.26 -22.04 15.26
N SER B 58 -20.50 -22.31 16.32
CA SER B 58 -20.93 -22.03 17.69
C SER B 58 -21.11 -20.53 17.91
N TRP B 59 -20.18 -19.75 17.36
CA TRP B 59 -20.21 -18.30 17.53
C TRP B 59 -21.47 -17.70 16.88
N ARG B 60 -21.89 -18.28 15.76
CA ARG B 60 -23.10 -17.81 15.10
C ARG B 60 -24.32 -18.05 15.97
N VAL B 61 -24.41 -19.25 16.51
CA VAL B 61 -25.53 -19.63 17.36
C VAL B 61 -25.63 -18.67 18.55
N ILE B 62 -24.56 -18.56 19.32
CA ILE B 62 -24.57 -17.74 20.52
C ILE B 62 -24.81 -16.26 20.17
N SER B 63 -24.58 -15.90 18.91
CA SER B 63 -24.86 -14.53 18.46
C SER B 63 -26.33 -14.34 18.13
N SER B 64 -26.91 -15.30 17.41
CA SER B 64 -28.33 -15.27 17.11
C SER B 64 -29.12 -15.31 18.42
N ILE B 65 -28.76 -16.26 19.28
CA ILE B 65 -29.39 -16.39 20.59
C ILE B 65 -29.25 -15.11 21.40
N GLU B 66 -28.22 -14.33 21.13
CA GLU B 66 -27.95 -13.11 21.89
C GLU B 66 -28.77 -11.92 21.36
N GLN B 67 -29.25 -12.05 20.13
CA GLN B 67 -30.16 -11.04 19.58
C GLN B 67 -31.58 -11.35 20.06
N LYS B 68 -31.96 -12.61 19.96
CA LYS B 68 -33.22 -13.08 20.54
C LYS B 68 -33.14 -12.90 22.05
N THR B 69 -33.75 -11.82 22.54
CA THR B 69 -33.41 -11.28 23.85
C THR B 69 -34.29 -11.71 25.01
N GLU B 70 -33.65 -11.85 26.16
CA GLU B 70 -34.32 -11.71 27.45
C GLU B 70 -33.79 -10.40 27.98
N ARG B 71 -34.64 -9.61 28.62
CA ARG B 71 -34.23 -8.26 29.01
C ARG B 71 -33.44 -8.24 30.31
N ASN B 72 -32.96 -9.41 30.73
CA ASN B 72 -32.15 -9.49 31.94
C ASN B 72 -30.70 -9.16 31.63
N GLU B 73 -30.07 -8.41 32.52
CA GLU B 73 -28.65 -8.15 32.41
C GLU B 73 -27.91 -9.48 32.45
N LYS B 74 -28.15 -10.23 33.53
CA LYS B 74 -27.50 -11.53 33.73
C LYS B 74 -27.64 -12.46 32.53
N LYS B 75 -28.88 -12.68 32.10
CA LYS B 75 -29.14 -13.61 31.00
C LYS B 75 -28.42 -13.17 29.74
N GLN B 76 -28.37 -11.86 29.51
CA GLN B 76 -27.70 -11.31 28.35
C GLN B 76 -26.19 -11.22 28.59
N GLN B 77 -25.78 -11.02 29.84
CA GLN B 77 -24.37 -11.02 30.18
C GLN B 77 -23.78 -12.42 29.99
N MET B 78 -24.50 -13.42 30.47
CA MET B 78 -24.06 -14.81 30.37
C MET B 78 -23.82 -15.19 28.90
N GLY B 79 -24.73 -14.73 28.05
CA GLY B 79 -24.61 -14.99 26.62
C GLY B 79 -23.38 -14.32 26.04
N LYS B 80 -23.22 -13.03 26.34
CA LYS B 80 -22.10 -12.24 25.84
C LYS B 80 -20.75 -12.83 26.26
N GLU B 81 -20.62 -13.17 27.55
CA GLU B 81 -19.39 -13.76 28.07
C GLU B 81 -19.01 -15.04 27.34
N TYR B 82 -20.03 -15.83 27.00
CA TYR B 82 -19.80 -17.11 26.32
C TYR B 82 -19.38 -16.87 24.87
N ARG B 83 -19.99 -15.88 24.24
CA ARG B 83 -19.64 -15.52 22.86
C ARG B 83 -18.19 -15.05 22.80
N GLU B 84 -17.78 -14.28 23.80
CA GLU B 84 -16.41 -13.80 23.86
C GLU B 84 -15.44 -14.94 24.11
N LYS B 85 -15.88 -15.94 24.85
CA LYS B 85 -15.07 -17.11 25.14
C LYS B 85 -14.74 -17.86 23.85
N ILE B 86 -15.74 -18.01 22.99
CA ILE B 86 -15.56 -18.66 21.70
C ILE B 86 -14.68 -17.82 20.79
N GLU B 87 -14.80 -16.50 20.92
CA GLU B 87 -14.01 -15.59 20.11
C GLU B 87 -12.53 -15.75 20.43
N ALA B 88 -12.22 -16.00 21.69
CA ALA B 88 -10.84 -16.16 22.10
C ALA B 88 -10.23 -17.40 21.46
N GLU B 89 -10.94 -18.52 21.55
CA GLU B 89 -10.49 -19.75 20.90
C GLU B 89 -10.30 -19.50 19.40
N LEU B 90 -11.29 -18.86 18.81
CA LEU B 90 -11.28 -18.59 17.37
C LEU B 90 -10.05 -17.76 16.99
N GLN B 91 -9.78 -16.71 17.74
CA GLN B 91 -8.60 -15.87 17.50
C GLN B 91 -7.32 -16.70 17.61
N ASP B 92 -7.22 -17.50 18.67
CA ASP B 92 -6.05 -18.36 18.87
C ASP B 92 -5.88 -19.35 17.72
N ILE B 93 -6.97 -20.03 17.38
CA ILE B 93 -6.97 -20.99 16.26
C ILE B 93 -6.41 -20.33 15.01
N CYS B 94 -6.87 -19.12 14.72
CA CYS B 94 -6.48 -18.43 13.51
C CYS B 94 -5.02 -17.98 13.55
N ASN B 95 -4.63 -17.35 14.65
CA ASN B 95 -3.25 -16.88 14.81
C ASN B 95 -2.26 -18.02 14.72
N ASP B 96 -2.70 -19.22 15.09
CA ASP B 96 -1.87 -20.40 14.92
C ASP B 96 -1.61 -20.65 13.44
N VAL B 97 -2.67 -20.68 12.65
CA VAL B 97 -2.56 -20.92 11.21
C VAL B 97 -1.71 -19.85 10.55
N LEU B 98 -1.94 -18.60 10.92
CA LEU B 98 -1.27 -17.48 10.29
C LEU B 98 0.21 -17.45 10.64
N GLU B 99 0.55 -17.99 11.81
CA GLU B 99 1.95 -18.15 12.19
C GLU B 99 2.63 -19.12 11.24
N LEU B 100 1.99 -20.29 11.05
CA LEU B 100 2.55 -21.34 10.21
C LEU B 100 2.76 -20.87 8.77
N LEU B 101 1.80 -20.09 8.27
CA LEU B 101 1.90 -19.57 6.91
C LEU B 101 3.05 -18.57 6.79
N ASP B 102 3.14 -17.67 7.77
CA ASP B 102 4.07 -16.55 7.71
C ASP B 102 5.53 -16.93 8.02
N LYS B 103 5.70 -17.99 8.80
CA LYS B 103 7.04 -18.38 9.27
C LYS B 103 7.60 -19.61 8.55
N TYR B 104 6.75 -20.37 7.88
CA TYR B 104 7.18 -21.61 7.23
C TYR B 104 6.68 -21.69 5.79
N LEU B 105 5.37 -21.81 5.63
CA LEU B 105 4.79 -22.25 4.37
C LEU B 105 4.90 -21.22 3.24
N ILE B 106 4.49 -19.99 3.48
CA ILE B 106 4.51 -18.96 2.43
C ILE B 106 5.94 -18.59 2.00
N PRO B 107 6.85 -18.31 2.96
CA PRO B 107 8.19 -17.93 2.53
C PRO B 107 8.98 -19.08 1.91
N ASN B 108 8.73 -20.31 2.32
CA ASN B 108 9.39 -21.48 1.74
C ASN B 108 8.63 -22.04 0.55
N ALA B 109 7.51 -21.40 0.19
CA ALA B 109 6.75 -21.80 -0.98
C ALA B 109 7.60 -21.59 -2.24
N THR B 110 7.93 -22.69 -2.89
CA THR B 110 8.88 -22.66 -4.01
C THR B 110 8.19 -22.50 -5.35
N GLN B 111 6.95 -22.98 -5.45
CA GLN B 111 6.26 -23.02 -6.73
C GLN B 111 4.91 -22.30 -6.68
N PRO B 112 4.52 -21.66 -7.81
CA PRO B 112 3.28 -20.89 -7.90
C PRO B 112 2.06 -21.54 -7.25
N GLU B 113 1.75 -22.78 -7.65
CA GLU B 113 0.61 -23.51 -7.12
C GLU B 113 0.53 -23.41 -5.60
N SER B 114 1.58 -23.84 -4.91
CA SER B 114 1.63 -23.82 -3.46
C SER B 114 1.51 -22.40 -2.89
N LYS B 115 2.24 -21.46 -3.50
CA LYS B 115 2.21 -20.06 -3.08
C LYS B 115 0.78 -19.52 -3.04
N VAL B 116 0.00 -19.84 -4.07
CA VAL B 116 -1.39 -19.41 -4.16
C VAL B 116 -2.22 -20.03 -3.05
N PHE B 117 -2.00 -21.33 -2.81
CA PHE B 117 -2.76 -22.07 -1.81
C PHE B 117 -2.57 -21.49 -0.41
N TYR B 118 -1.33 -21.17 -0.08
CA TYR B 118 -1.02 -20.64 1.24
C TYR B 118 -1.50 -19.20 1.37
N LEU B 119 -1.47 -18.45 0.28
CA LEU B 119 -1.97 -17.09 0.29
C LEU B 119 -3.49 -17.09 0.42
N LYS B 120 -4.14 -18.01 -0.29
CA LYS B 120 -5.59 -18.19 -0.18
C LYS B 120 -5.93 -18.51 1.26
N MET B 121 -5.26 -19.53 1.79
CA MET B 121 -5.44 -19.98 3.16
C MET B 121 -5.21 -18.82 4.12
N LYS B 122 -4.23 -17.98 3.82
CA LYS B 122 -3.97 -16.80 4.63
C LYS B 122 -5.19 -15.88 4.60
N GLY B 123 -5.72 -15.64 3.41
CA GLY B 123 -6.90 -14.82 3.26
C GLY B 123 -8.10 -15.40 3.99
N ASP B 124 -8.20 -16.73 3.99
CA ASP B 124 -9.28 -17.42 4.68
C ASP B 124 -9.31 -17.12 6.17
N TYR B 125 -8.15 -17.22 6.83
CA TYR B 125 -8.12 -17.12 8.27
C TYR B 125 -8.03 -15.68 8.75
N PHE B 126 -7.89 -14.74 7.82
CA PHE B 126 -8.06 -13.33 8.17
C PHE B 126 -9.52 -12.96 8.02
N ARG B 127 -10.21 -13.60 7.08
CA ARG B 127 -11.64 -13.42 6.92
C ARG B 127 -12.35 -13.92 8.16
N TYR B 128 -11.90 -15.05 8.68
CA TYR B 128 -12.42 -15.61 9.92
C TYR B 128 -12.24 -14.62 11.05
N LEU B 129 -11.01 -14.13 11.22
CA LEU B 129 -10.70 -13.18 12.28
C LEU B 129 -11.56 -11.94 12.17
N SER B 130 -11.84 -11.52 10.94
CA SER B 130 -12.62 -10.32 10.72
C SER B 130 -14.08 -10.51 11.10
N GLU B 131 -14.57 -11.73 10.98
CA GLU B 131 -15.96 -12.02 11.33
C GLU B 131 -16.26 -11.77 12.79
N VAL B 132 -15.21 -11.61 13.61
CA VAL B 132 -15.39 -11.41 15.05
C VAL B 132 -14.55 -10.25 15.59
N ALA B 133 -14.02 -9.44 14.68
CA ALA B 133 -13.20 -8.29 15.07
C ALA B 133 -14.08 -7.06 15.31
N SER B 134 -13.52 -6.06 15.99
CA SER B 134 -14.24 -4.85 16.35
C SER B 134 -13.43 -3.58 16.11
N GLY B 135 -14.13 -2.50 15.77
CA GLY B 135 -13.51 -1.19 15.60
C GLY B 135 -12.60 -1.10 14.38
N ASP B 136 -11.41 -0.56 14.60
CA ASP B 136 -10.43 -0.43 13.52
C ASP B 136 -9.63 -1.73 13.34
N ASN B 137 -9.71 -2.62 14.33
CA ASN B 137 -9.10 -3.94 14.21
C ASN B 137 -9.90 -4.80 13.23
N LYS B 138 -11.19 -4.53 13.12
CA LYS B 138 -12.02 -5.12 12.09
C LYS B 138 -11.50 -4.69 10.72
N GLN B 139 -11.18 -3.40 10.59
CA GLN B 139 -10.69 -2.86 9.33
C GLN B 139 -9.32 -3.46 8.97
N THR B 140 -8.49 -3.67 9.98
CA THR B 140 -7.17 -4.28 9.77
C THR B 140 -7.30 -5.70 9.24
N THR B 141 -8.19 -6.49 9.83
CA THR B 141 -8.34 -7.90 9.47
C THR B 141 -8.95 -8.04 8.07
N VAL B 142 -9.99 -7.26 7.79
CA VAL B 142 -10.63 -7.28 6.48
C VAL B 142 -9.63 -6.91 5.38
N SER B 143 -8.82 -5.90 5.66
CA SER B 143 -7.81 -5.44 4.70
C SER B 143 -6.75 -6.51 4.49
N ASN B 144 -6.23 -7.07 5.58
CA ASN B 144 -5.23 -8.12 5.49
C ASN B 144 -5.76 -9.36 4.77
N SER B 145 -7.04 -9.66 4.96
CA SER B 145 -7.69 -10.75 4.26
C SER B 145 -7.71 -10.46 2.76
N GLN B 146 -8.20 -9.27 2.41
CA GLN B 146 -8.34 -8.88 1.01
C GLN B 146 -7.00 -8.74 0.31
N GLN B 147 -6.02 -8.18 1.02
CA GLN B 147 -4.67 -8.05 0.49
C GLN B 147 -4.09 -9.40 0.11
N ALA B 148 -4.35 -10.40 0.93
CA ALA B 148 -3.78 -11.72 0.71
C ALA B 148 -4.57 -12.48 -0.34
N TYR B 149 -5.87 -12.19 -0.42
CA TYR B 149 -6.71 -12.78 -1.45
C TYR B 149 -6.33 -12.24 -2.83
N GLN B 150 -5.97 -10.96 -2.87
CA GLN B 150 -5.66 -10.30 -4.13
C GLN B 150 -4.31 -10.73 -4.67
N GLU B 151 -3.33 -10.91 -3.78
CA GLU B 151 -1.99 -11.29 -4.20
C GLU B 151 -1.99 -12.69 -4.81
N ALA B 152 -2.83 -13.56 -4.28
CA ALA B 152 -2.92 -14.93 -4.77
C ALA B 152 -3.62 -14.95 -6.11
N PHE B 153 -4.63 -14.10 -6.23
CA PHE B 153 -5.49 -14.07 -7.41
C PHE B 153 -4.69 -13.58 -8.62
N GLU B 154 -3.78 -12.63 -8.38
CA GLU B 154 -2.92 -12.11 -9.44
C GLU B 154 -1.89 -13.15 -9.87
N ILE B 155 -1.32 -13.86 -8.90
CA ILE B 155 -0.39 -14.93 -9.19
C ILE B 155 -1.08 -16.01 -10.01
N SER B 156 -2.29 -16.38 -9.61
CA SER B 156 -3.01 -17.49 -10.24
C SER B 156 -3.48 -17.13 -11.66
N LYS B 157 -3.87 -15.88 -11.86
CA LYS B 157 -4.26 -15.40 -13.18
C LYS B 157 -3.11 -15.54 -14.18
N LYS B 158 -1.90 -15.50 -13.65
CA LYS B 158 -0.69 -15.48 -14.46
C LYS B 158 -0.04 -16.85 -14.60
N GLU B 159 -0.11 -17.67 -13.55
CA GLU B 159 0.71 -18.87 -13.43
C GLU B 159 -0.03 -20.19 -13.63
N MET B 160 -1.35 -20.14 -13.72
CA MET B 160 -2.16 -21.36 -13.66
C MET B 160 -3.33 -21.38 -14.63
N GLN B 161 -3.69 -22.59 -15.06
CA GLN B 161 -4.85 -22.79 -15.92
C GLN B 161 -6.11 -22.39 -15.17
N PRO B 162 -7.21 -22.10 -15.89
CA PRO B 162 -8.45 -21.76 -15.20
C PRO B 162 -9.07 -22.96 -14.47
N THR B 163 -8.65 -24.16 -14.88
CA THR B 163 -9.22 -25.39 -14.35
C THR B 163 -8.48 -25.91 -13.13
N HIS B 164 -7.32 -25.33 -12.83
CA HIS B 164 -6.53 -25.77 -11.70
C HIS B 164 -7.36 -25.64 -10.42
N PRO B 165 -7.48 -26.74 -9.64
CA PRO B 165 -8.34 -26.71 -8.44
C PRO B 165 -7.96 -25.59 -7.49
N ILE B 166 -6.66 -25.35 -7.36
CA ILE B 166 -6.16 -24.34 -6.45
C ILE B 166 -6.69 -22.97 -6.87
N ARG B 167 -6.75 -22.73 -8.18
CA ARG B 167 -7.25 -21.46 -8.70
C ARG B 167 -8.76 -21.35 -8.52
N LEU B 168 -9.49 -22.37 -8.98
CA LEU B 168 -10.94 -22.45 -8.77
C LEU B 168 -11.30 -22.23 -7.30
N GLY B 169 -10.53 -22.87 -6.43
CA GLY B 169 -10.77 -22.78 -4.98
C GLY B 169 -10.59 -21.39 -4.44
N LEU B 170 -9.58 -20.68 -4.93
CA LEU B 170 -9.35 -19.30 -4.52
C LEU B 170 -10.49 -18.43 -5.03
N ALA B 171 -10.93 -18.70 -6.25
CA ALA B 171 -12.03 -17.96 -6.83
C ALA B 171 -13.27 -18.13 -5.97
N LEU B 172 -13.47 -19.36 -5.50
CA LEU B 172 -14.60 -19.66 -4.62
C LEU B 172 -14.56 -18.80 -3.37
N ASN B 173 -13.47 -18.90 -2.61
CA ASN B 173 -13.36 -18.21 -1.33
C ASN B 173 -13.29 -16.69 -1.43
N PHE B 174 -12.59 -16.18 -2.45
CA PHE B 174 -12.44 -14.74 -2.59
C PHE B 174 -13.77 -14.11 -2.95
N SER B 175 -14.51 -14.76 -3.84
CA SER B 175 -15.84 -14.29 -4.21
C SER B 175 -16.77 -14.37 -2.99
N VAL B 176 -16.54 -15.35 -2.14
CA VAL B 176 -17.29 -15.48 -0.91
C VAL B 176 -16.89 -14.36 0.05
N PHE B 177 -15.60 -14.04 0.09
CA PHE B 177 -15.14 -12.93 0.92
C PHE B 177 -15.88 -11.65 0.54
N TYR B 178 -15.98 -11.39 -0.76
CA TYR B 178 -16.67 -10.20 -1.26
C TYR B 178 -18.11 -10.17 -0.79
N TYR B 179 -18.81 -11.28 -0.97
CA TYR B 179 -20.24 -11.34 -0.67
C TYR B 179 -20.53 -11.18 0.81
N GLU B 180 -19.75 -11.84 1.65
CA GLU B 180 -20.01 -11.85 3.09
C GLU B 180 -19.36 -10.68 3.81
N ILE B 181 -18.05 -10.53 3.64
CA ILE B 181 -17.29 -9.55 4.40
C ILE B 181 -17.43 -8.12 3.86
N LEU B 182 -17.32 -7.97 2.54
CA LEU B 182 -17.43 -6.64 1.93
C LEU B 182 -18.87 -6.30 1.52
N ASN B 183 -19.79 -7.24 1.70
CA ASN B 183 -21.18 -7.05 1.35
C ASN B 183 -21.31 -6.43 -0.04
N SER B 184 -20.69 -7.10 -1.01
CA SER B 184 -20.60 -6.59 -2.37
C SER B 184 -20.96 -7.69 -3.36
N PRO B 185 -22.27 -7.98 -3.50
CA PRO B 185 -22.74 -9.13 -4.29
C PRO B 185 -22.33 -9.08 -5.75
N GLU B 186 -22.23 -7.88 -6.30
CA GLU B 186 -21.92 -7.69 -7.71
C GLU B 186 -20.54 -8.22 -8.02
N LYS B 187 -19.55 -7.73 -7.27
CA LYS B 187 -18.18 -8.24 -7.36
C LYS B 187 -18.18 -9.75 -7.16
N ALA B 188 -18.86 -10.20 -6.11
CA ALA B 188 -18.90 -11.60 -5.71
C ALA B 188 -19.38 -12.49 -6.86
N CYS B 189 -20.56 -12.21 -7.40
CA CYS B 189 -21.10 -12.99 -8.50
C CYS B 189 -20.25 -12.83 -9.75
N SER B 190 -19.73 -11.62 -9.95
CA SER B 190 -18.83 -11.35 -11.07
C SER B 190 -17.61 -12.25 -10.99
N LEU B 191 -16.94 -12.22 -9.85
CA LEU B 191 -15.72 -12.98 -9.65
C LEU B 191 -15.96 -14.48 -9.82
N ALA B 192 -17.03 -14.97 -9.23
CA ALA B 192 -17.35 -16.40 -9.24
C ALA B 192 -17.73 -16.90 -10.64
N LYS B 193 -18.56 -16.14 -11.35
CA LYS B 193 -19.04 -16.58 -12.66
C LYS B 193 -17.91 -16.58 -13.67
N THR B 194 -17.02 -15.61 -13.58
CA THR B 194 -15.88 -15.54 -14.48
C THR B 194 -14.98 -16.75 -14.27
N ALA B 195 -14.74 -17.09 -13.00
CA ALA B 195 -13.97 -18.27 -12.65
C ALA B 195 -14.61 -19.53 -13.23
N PHE B 196 -15.93 -19.59 -13.15
CA PHE B 196 -16.69 -20.73 -13.66
C PHE B 196 -16.64 -20.82 -15.19
N ASP B 197 -16.77 -19.66 -15.85
CA ASP B 197 -16.77 -19.62 -17.31
C ASP B 197 -15.42 -20.05 -17.86
N GLU B 198 -14.35 -19.43 -17.38
CA GLU B 198 -13.00 -19.73 -17.83
C GLU B 198 -12.68 -21.22 -17.64
N ALA B 199 -13.32 -21.84 -16.65
CA ALA B 199 -13.09 -23.24 -16.35
C ALA B 199 -13.64 -24.13 -17.46
N ILE B 200 -14.88 -23.87 -17.86
CA ILE B 200 -15.52 -24.63 -18.92
C ILE B 200 -14.73 -24.56 -20.22
N ALA B 201 -14.28 -23.36 -20.57
CA ALA B 201 -13.68 -23.07 -21.87
C ALA B 201 -12.55 -24.00 -22.27
N GLU B 202 -11.85 -24.58 -21.30
CA GLU B 202 -10.66 -25.38 -21.57
C GLU B 202 -10.73 -26.79 -20.98
N LEU B 203 -11.87 -27.15 -20.40
CA LEU B 203 -11.97 -28.39 -19.61
C LEU B 203 -11.63 -29.66 -20.39
N ASP B 204 -11.86 -29.66 -21.70
CA ASP B 204 -11.80 -30.89 -22.49
C ASP B 204 -10.42 -31.54 -22.53
N THR B 205 -9.36 -30.74 -22.45
CA THR B 205 -8.00 -31.28 -22.49
C THR B 205 -7.53 -31.80 -21.13
N LEU B 206 -8.30 -31.56 -20.08
CA LEU B 206 -7.75 -31.60 -18.73
C LEU B 206 -7.63 -32.99 -18.11
N ASN B 207 -7.54 -33.03 -16.78
CA ASN B 207 -7.04 -34.20 -16.06
C ASN B 207 -8.15 -34.99 -15.37
N GLU B 208 -8.08 -36.31 -15.52
CA GLU B 208 -8.99 -37.24 -14.88
C GLU B 208 -8.94 -37.17 -13.36
N GLU B 209 -7.72 -37.08 -12.82
CA GLU B 209 -7.49 -37.11 -11.38
C GLU B 209 -8.31 -36.05 -10.64
N SER B 210 -8.10 -34.79 -10.99
CA SER B 210 -8.81 -33.68 -10.33
C SER B 210 -9.92 -33.12 -11.21
N TYR B 211 -10.35 -33.87 -12.23
CA TYR B 211 -11.61 -33.59 -12.91
C TYR B 211 -12.65 -33.51 -11.81
N LYS B 212 -12.46 -34.35 -10.79
CA LYS B 212 -13.27 -34.32 -9.59
C LYS B 212 -13.16 -33.01 -8.84
N ASP B 213 -11.98 -32.75 -8.29
CA ASP B 213 -11.75 -31.57 -7.49
C ASP B 213 -12.09 -30.32 -8.28
N SER B 214 -11.71 -30.30 -9.55
CA SER B 214 -12.03 -29.16 -10.41
C SER B 214 -13.53 -28.98 -10.53
N THR B 215 -14.23 -29.99 -11.04
CA THR B 215 -15.68 -29.87 -11.27
C THR B 215 -16.47 -29.73 -9.99
N LEU B 216 -15.98 -30.34 -8.91
CA LEU B 216 -16.62 -30.17 -7.61
C LEU B 216 -16.60 -28.71 -7.22
N ILE B 217 -15.43 -28.08 -7.32
CA ILE B 217 -15.29 -26.67 -6.99
C ILE B 217 -16.07 -25.81 -8.00
N MET B 218 -16.07 -26.22 -9.27
CA MET B 218 -16.85 -25.54 -10.28
C MET B 218 -18.33 -25.61 -9.92
N GLN B 219 -18.73 -26.73 -9.32
CA GLN B 219 -20.11 -26.90 -8.88
C GLN B 219 -20.39 -25.99 -7.70
N LEU B 220 -19.46 -25.92 -6.77
CA LEU B 220 -19.59 -25.05 -5.61
C LEU B 220 -19.67 -23.59 -6.02
N LEU B 221 -19.02 -23.24 -7.12
CA LEU B 221 -19.08 -21.88 -7.65
C LEU B 221 -20.48 -21.59 -8.20
N ARG B 222 -21.08 -22.57 -8.85
CA ARG B 222 -22.44 -22.42 -9.36
C ARG B 222 -23.45 -22.32 -8.21
N ASP B 223 -23.34 -23.23 -7.26
CA ASP B 223 -24.17 -23.23 -6.06
C ASP B 223 -24.18 -21.88 -5.36
N ASN B 224 -23.00 -21.36 -5.05
CA ASN B 224 -22.90 -20.04 -4.45
C ASN B 224 -23.61 -19.00 -5.29
N LEU B 225 -23.52 -19.14 -6.60
CA LEU B 225 -24.12 -18.15 -7.50
C LEU B 225 -25.64 -18.24 -7.52
N THR B 226 -26.18 -19.45 -7.60
CA THR B 226 -27.64 -19.62 -7.59
C THR B 226 -28.18 -19.30 -6.20
N LEU B 227 -27.35 -19.51 -5.18
CA LEU B 227 -27.76 -19.24 -3.81
C LEU B 227 -27.79 -17.74 -3.53
N TRP B 228 -26.94 -16.99 -4.21
CA TRP B 228 -26.81 -15.56 -3.97
C TRP B 228 -27.79 -14.73 -4.80
N THR B 229 -27.96 -15.11 -6.06
CA THR B 229 -28.85 -14.36 -6.95
C THR B 229 -30.30 -14.50 -6.49
N SER B 230 -30.70 -13.64 -5.56
CA SER B 230 -32.06 -13.64 -5.03
C SER B 230 -32.49 -12.24 -4.63
N MET C 1 -17.17 0.01 27.74
CA MET C 1 -16.84 0.30 29.12
C MET C 1 -16.62 1.78 29.33
N ASP C 2 -16.79 2.23 30.58
CA ASP C 2 -16.48 3.61 30.94
C ASP C 2 -14.99 3.70 31.29
N LYS C 3 -14.35 4.79 30.88
CA LYS C 3 -12.94 5.02 31.16
C LYS C 3 -12.62 4.87 32.64
N SER C 4 -13.56 5.28 33.49
CA SER C 4 -13.41 5.19 34.93
C SER C 4 -13.23 3.75 35.39
N GLU C 5 -13.95 2.83 34.74
CA GLU C 5 -13.85 1.41 35.06
C GLU C 5 -12.50 0.84 34.62
N LEU C 6 -12.16 1.04 33.36
CA LEU C 6 -10.91 0.51 32.80
C LEU C 6 -9.69 0.99 33.57
N VAL C 7 -9.74 2.24 34.05
CA VAL C 7 -8.63 2.81 34.79
C VAL C 7 -8.57 2.22 36.19
N GLN C 8 -9.72 1.77 36.70
CA GLN C 8 -9.75 1.17 38.03
C GLN C 8 -9.28 -0.29 37.98
N LYS C 9 -9.83 -1.05 37.03
CA LYS C 9 -9.37 -2.43 36.82
C LYS C 9 -7.87 -2.44 36.53
N ALA C 10 -7.38 -1.35 35.95
CA ALA C 10 -5.97 -1.21 35.63
C ALA C 10 -5.15 -0.89 36.88
N LYS C 11 -5.68 -0.01 37.72
CA LYS C 11 -5.00 0.36 38.95
C LYS C 11 -5.08 -0.78 39.97
N LEU C 12 -6.06 -1.66 39.78
CA LEU C 12 -6.14 -2.89 40.57
C LEU C 12 -5.16 -3.93 40.04
N ALA C 13 -5.07 -4.01 38.72
CA ALA C 13 -4.15 -4.94 38.06
C ALA C 13 -2.72 -4.65 38.47
N GLU C 14 -2.37 -3.37 38.58
CA GLU C 14 -1.01 -2.98 38.92
C GLU C 14 -0.63 -3.44 40.33
N GLN C 15 -1.60 -3.47 41.23
CA GLN C 15 -1.36 -3.90 42.61
C GLN C 15 -1.21 -5.42 42.66
N ALA C 16 -2.09 -6.11 41.95
CA ALA C 16 -2.02 -7.55 41.85
C ALA C 16 -0.85 -7.99 40.96
N GLU C 17 -0.12 -7.02 40.41
CA GLU C 17 1.01 -7.29 39.53
C GLU C 17 0.60 -8.20 38.38
N ARG C 18 -0.57 -7.92 37.83
CA ARG C 18 -1.10 -8.62 36.66
C ARG C 18 -1.06 -7.69 35.47
N TYR C 19 0.15 -7.33 35.05
CA TYR C 19 0.36 -6.30 34.04
C TYR C 19 -0.21 -6.67 32.67
N ASP C 20 -0.46 -7.95 32.45
CA ASP C 20 -1.11 -8.38 31.21
C ASP C 20 -2.50 -7.77 31.11
N ASP C 21 -3.21 -7.72 32.23
CA ASP C 21 -4.51 -7.07 32.29
C ASP C 21 -4.36 -5.56 32.23
N MET C 22 -3.50 -5.04 33.08
CA MET C 22 -3.23 -3.61 33.20
C MET C 22 -2.91 -2.98 31.84
N ALA C 23 -2.33 -3.76 30.94
CA ALA C 23 -1.96 -3.26 29.61
C ALA C 23 -3.14 -3.36 28.65
N ALA C 24 -3.91 -4.43 28.77
CA ALA C 24 -5.08 -4.62 27.92
C ALA C 24 -6.12 -3.55 28.24
N ALA C 25 -6.27 -3.25 29.52
CA ALA C 25 -7.21 -2.23 29.96
C ALA C 25 -6.85 -0.86 29.41
N MET C 26 -5.59 -0.48 29.55
CA MET C 26 -5.13 0.82 29.10
C MET C 26 -5.05 0.90 27.57
N LYS C 27 -4.89 -0.25 26.92
CA LYS C 27 -4.91 -0.30 25.46
C LYS C 27 -6.31 0.00 24.97
N ALA C 28 -7.31 -0.32 25.80
CA ALA C 28 -8.70 -0.07 25.47
C ALA C 28 -9.04 1.40 25.71
N VAL C 29 -8.58 1.94 26.84
CA VAL C 29 -8.75 3.34 27.18
C VAL C 29 -8.14 4.24 26.10
N THR C 30 -7.09 3.76 25.46
CA THR C 30 -6.41 4.53 24.43
C THR C 30 -7.09 4.38 23.07
N GLU C 31 -7.61 3.19 22.78
CA GLU C 31 -8.33 2.95 21.54
C GLU C 31 -9.69 3.64 21.53
N GLN C 32 -10.03 4.31 22.62
CA GLN C 32 -11.29 5.05 22.72
C GLN C 32 -11.25 6.34 21.89
N GLY C 33 -10.07 6.94 21.78
CA GLY C 33 -9.86 8.09 20.91
C GLY C 33 -9.46 9.38 21.62
N HIS C 34 -9.68 9.46 22.92
CA HIS C 34 -9.42 10.68 23.68
C HIS C 34 -8.05 10.68 24.35
N GLU C 35 -7.44 11.86 24.43
CA GLU C 35 -6.14 12.01 25.04
C GLU C 35 -6.15 11.60 26.51
N LEU C 36 -5.12 10.88 26.93
CA LEU C 36 -5.01 10.41 28.31
C LEU C 36 -4.53 11.52 29.23
N SER C 37 -4.85 11.41 30.52
CA SER C 37 -4.39 12.36 31.51
C SER C 37 -2.99 11.97 31.99
N ASN C 38 -2.40 12.76 32.87
CA ASN C 38 -1.08 12.47 33.41
C ASN C 38 -1.07 11.16 34.19
N GLU C 39 -2.19 10.84 34.82
CA GLU C 39 -2.32 9.59 35.57
C GLU C 39 -2.39 8.40 34.61
N GLU C 40 -3.40 8.42 33.75
CA GLU C 40 -3.65 7.33 32.80
C GLU C 40 -2.44 7.07 31.90
N ARG C 41 -1.65 8.11 31.67
CA ARG C 41 -0.49 7.99 30.81
C ARG C 41 0.61 7.19 31.49
N ASN C 42 0.70 7.27 32.81
CA ASN C 42 1.66 6.49 33.56
C ASN C 42 1.22 5.03 33.64
N LEU C 43 -0.08 4.82 33.76
CA LEU C 43 -0.65 3.47 33.81
C LEU C 43 -0.31 2.73 32.52
N LEU C 44 -0.42 3.41 31.39
CA LEU C 44 -0.07 2.80 30.11
C LEU C 44 1.42 2.51 30.04
N SER C 45 2.23 3.50 30.40
CA SER C 45 3.69 3.36 30.36
C SER C 45 4.18 2.25 31.28
N VAL C 46 3.61 2.15 32.47
CA VAL C 46 4.01 1.13 33.43
C VAL C 46 3.56 -0.25 32.97
N ALA C 47 2.27 -0.37 32.64
CA ALA C 47 1.68 -1.64 32.22
C ALA C 47 2.48 -2.29 31.10
N TYR C 48 2.94 -1.48 30.15
CA TYR C 48 3.61 -2.00 28.97
C TYR C 48 5.11 -2.13 29.16
N LYS C 49 5.68 -1.35 30.07
CA LYS C 49 7.08 -1.51 30.42
C LYS C 49 7.28 -2.87 31.07
N ASN C 50 6.37 -3.22 31.97
CA ASN C 50 6.42 -4.51 32.66
C ASN C 50 6.22 -5.70 31.72
N VAL C 51 5.18 -5.61 30.90
CA VAL C 51 4.87 -6.69 29.97
C VAL C 51 6.04 -6.95 29.02
N VAL C 52 6.63 -5.89 28.47
CA VAL C 52 7.72 -6.06 27.53
C VAL C 52 9.02 -6.37 28.26
N GLY C 53 9.19 -5.80 29.45
CA GLY C 53 10.37 -6.07 30.26
C GLY C 53 10.47 -7.53 30.62
N ALA C 54 9.33 -8.13 30.96
CA ALA C 54 9.27 -9.56 31.26
C ALA C 54 9.82 -10.39 30.11
N ARG C 55 9.49 -9.99 28.89
CA ARG C 55 9.93 -10.70 27.71
C ARG C 55 11.43 -10.51 27.47
N ARG C 56 11.88 -9.27 27.55
CA ARG C 56 13.29 -8.94 27.33
C ARG C 56 14.16 -9.71 28.32
N SER C 57 13.66 -9.84 29.55
CA SER C 57 14.38 -10.55 30.59
C SER C 57 14.47 -12.04 30.25
N SER C 58 13.40 -12.57 29.68
CA SER C 58 13.35 -13.97 29.27
C SER C 58 14.19 -14.22 28.03
N TRP C 59 14.34 -13.18 27.21
CA TRP C 59 15.12 -13.28 25.98
C TRP C 59 16.62 -13.28 26.31
N ARG C 60 17.00 -12.49 27.29
CA ARG C 60 18.39 -12.39 27.73
C ARG C 60 18.85 -13.69 28.37
N VAL C 61 17.92 -14.37 29.06
CA VAL C 61 18.22 -15.65 29.69
C VAL C 61 18.48 -16.73 28.66
N ILE C 62 17.48 -17.03 27.86
CA ILE C 62 17.57 -18.09 26.86
C ILE C 62 18.71 -17.86 25.87
N SER C 63 18.98 -16.60 25.53
CA SER C 63 20.06 -16.26 24.61
C SER C 63 21.43 -16.57 25.23
N SER C 64 21.53 -16.43 26.55
CA SER C 64 22.75 -16.77 27.26
C SER C 64 22.87 -18.29 27.37
N ILE C 65 21.76 -18.95 27.68
CA ILE C 65 21.73 -20.40 27.75
C ILE C 65 22.18 -21.01 26.42
N GLU C 66 21.96 -20.28 25.34
CA GLU C 66 22.38 -20.70 24.01
C GLU C 66 23.86 -20.47 23.79
N GLN C 67 24.46 -19.65 24.65
CA GLN C 67 25.85 -19.24 24.48
C GLN C 67 26.82 -20.29 25.05
N LYS C 68 26.30 -21.21 25.87
CA LYS C 68 27.14 -22.19 26.55
C LYS C 68 26.83 -23.60 26.08
N THR C 69 25.59 -23.82 25.66
CA THR C 69 25.20 -25.09 25.05
C THR C 69 26.15 -25.41 23.90
N GLU C 70 26.70 -26.63 23.88
CA GLU C 70 27.77 -26.94 22.95
C GLU C 70 27.72 -28.28 22.22
N ARG C 71 26.90 -29.22 22.67
CA ARG C 71 26.95 -30.57 22.11
C ARG C 71 25.60 -31.20 21.79
N ASN C 72 24.57 -30.84 22.54
CA ASN C 72 23.25 -31.42 22.32
C ASN C 72 22.45 -30.56 21.34
N GLU C 73 22.45 -30.98 20.06
CA GLU C 73 21.77 -30.24 19.01
C GLU C 73 20.27 -30.16 19.25
N LYS C 74 19.70 -31.24 19.77
CA LYS C 74 18.28 -31.28 20.11
C LYS C 74 17.96 -30.16 21.10
N LYS C 75 18.90 -29.94 22.02
CA LYS C 75 18.76 -28.89 23.03
C LYS C 75 19.03 -27.51 22.44
N GLN C 76 20.02 -27.44 21.55
CA GLN C 76 20.34 -26.18 20.88
C GLN C 76 19.14 -25.70 20.08
N GLN C 77 18.40 -26.64 19.50
CA GLN C 77 17.22 -26.32 18.71
C GLN C 77 16.09 -25.81 19.60
N MET C 78 15.80 -26.56 20.67
CA MET C 78 14.81 -26.11 21.65
C MET C 78 15.22 -24.76 22.20
N GLY C 79 16.52 -24.50 22.26
CA GLY C 79 17.03 -23.21 22.66
C GLY C 79 16.70 -22.15 21.63
N LYS C 80 16.92 -22.47 20.36
CA LYS C 80 16.65 -21.54 19.28
C LYS C 80 15.15 -21.31 19.09
N GLU C 81 14.39 -22.41 18.99
CA GLU C 81 12.95 -22.32 18.81
C GLU C 81 12.28 -21.48 19.88
N TYR C 82 12.76 -21.59 21.12
CA TYR C 82 12.12 -20.93 22.25
C TYR C 82 12.45 -19.44 22.24
N ARG C 83 13.67 -19.10 21.84
CA ARG C 83 14.05 -17.69 21.72
C ARG C 83 13.16 -17.02 20.68
N GLU C 84 13.05 -17.66 19.51
CA GLU C 84 12.22 -17.14 18.43
C GLU C 84 10.75 -17.14 18.82
N LYS C 85 10.39 -17.97 19.81
CA LYS C 85 9.02 -18.00 20.31
C LYS C 85 8.79 -16.82 21.26
N ILE C 86 9.85 -16.38 21.91
CA ILE C 86 9.79 -15.22 22.80
C ILE C 86 9.92 -13.92 22.02
N GLU C 87 10.89 -13.88 21.11
CA GLU C 87 11.09 -12.75 20.21
C GLU C 87 9.78 -12.39 19.51
N ALA C 88 8.98 -13.42 19.22
CA ALA C 88 7.70 -13.24 18.56
C ALA C 88 6.77 -12.40 19.43
N GLU C 89 6.58 -12.82 20.67
CA GLU C 89 5.74 -12.08 21.60
C GLU C 89 6.33 -10.70 21.80
N LEU C 90 7.65 -10.65 21.96
CA LEU C 90 8.36 -9.39 22.16
C LEU C 90 8.12 -8.42 21.01
N GLN C 91 7.76 -8.97 19.85
CA GLN C 91 7.48 -8.15 18.67
C GLN C 91 6.02 -7.73 18.61
N ASP C 92 5.11 -8.64 18.96
CA ASP C 92 3.69 -8.33 19.00
C ASP C 92 3.43 -7.21 20.01
N ILE C 93 4.08 -7.29 21.16
CA ILE C 93 3.98 -6.25 22.18
C ILE C 93 4.42 -4.91 21.60
N CYS C 94 5.66 -4.85 21.14
CA CYS C 94 6.25 -3.61 20.65
C CYS C 94 5.43 -2.98 19.53
N ASN C 95 4.92 -3.82 18.62
CA ASN C 95 4.11 -3.31 17.53
C ASN C 95 2.79 -2.72 18.03
N ASP C 96 2.24 -3.34 19.07
CA ASP C 96 0.96 -2.90 19.63
C ASP C 96 1.08 -1.51 20.25
N VAL C 97 2.13 -1.28 21.04
CA VAL C 97 2.35 0.02 21.66
C VAL C 97 2.62 1.07 20.59
N LEU C 98 3.46 0.72 19.62
CA LEU C 98 3.75 1.61 18.49
C LEU C 98 2.48 1.99 17.75
N GLU C 99 1.57 1.02 17.60
CA GLU C 99 0.30 1.27 16.93
C GLU C 99 -0.52 2.30 17.71
N LEU C 100 -0.61 2.12 19.02
CA LEU C 100 -1.29 3.09 19.87
C LEU C 100 -0.64 4.46 19.74
N LEU C 101 0.69 4.45 19.72
CA LEU C 101 1.46 5.68 19.56
C LEU C 101 1.16 6.34 18.23
N ASP C 102 1.19 5.54 17.16
CA ASP C 102 0.96 6.05 15.82
C ASP C 102 -0.46 6.57 15.64
N LYS C 103 -1.45 5.73 15.97
CA LYS C 103 -2.83 6.00 15.60
C LYS C 103 -3.53 6.98 16.54
N TYR C 104 -3.18 6.97 17.82
CA TYR C 104 -3.88 7.75 18.84
C TYR C 104 -3.01 8.72 19.63
N LEU C 105 -2.04 8.18 20.37
CA LEU C 105 -1.33 8.96 21.39
C LEU C 105 -0.49 10.11 20.83
N ILE C 106 0.35 9.83 19.84
CA ILE C 106 1.15 10.89 19.20
C ILE C 106 0.27 11.90 18.47
N PRO C 107 -0.64 11.44 17.59
CA PRO C 107 -1.46 12.42 16.87
C PRO C 107 -2.36 13.29 17.76
N ASN C 108 -2.92 12.73 18.84
CA ASN C 108 -3.81 13.49 19.72
C ASN C 108 -3.08 14.28 20.80
N ALA C 109 -1.77 14.11 20.89
CA ALA C 109 -0.96 14.82 21.87
C ALA C 109 -1.23 16.33 21.83
N THR C 110 -1.79 16.86 22.92
CA THR C 110 -2.23 18.25 22.99
C THR C 110 -1.11 19.18 23.44
N GLN C 111 -0.47 18.83 24.55
CA GLN C 111 0.53 19.67 25.16
C GLN C 111 1.95 19.20 24.80
N PRO C 112 2.94 20.10 24.95
CA PRO C 112 4.33 19.73 24.62
C PRO C 112 4.84 18.54 25.44
N GLU C 113 4.57 18.56 26.74
CA GLU C 113 4.93 17.47 27.64
C GLU C 113 4.55 16.11 27.06
N SER C 114 3.26 15.96 26.74
CA SER C 114 2.72 14.71 26.21
C SER C 114 3.46 14.22 24.98
N LYS C 115 3.69 15.14 24.04
CA LYS C 115 4.33 14.82 22.76
C LYS C 115 5.71 14.20 22.97
N VAL C 116 6.56 14.90 23.70
CA VAL C 116 7.91 14.43 24.01
C VAL C 116 7.88 13.07 24.69
N PHE C 117 7.03 12.94 25.70
CA PHE C 117 6.86 11.71 26.43
C PHE C 117 6.51 10.55 25.50
N TYR C 118 5.57 10.79 24.59
CA TYR C 118 5.11 9.75 23.69
C TYR C 118 6.13 9.42 22.61
N LEU C 119 6.96 10.39 22.23
CA LEU C 119 7.96 10.15 21.20
C LEU C 119 9.15 9.38 21.78
N LYS C 120 9.43 9.58 23.05
CA LYS C 120 10.43 8.78 23.76
C LYS C 120 9.99 7.33 23.75
N MET C 121 8.71 7.13 24.03
CA MET C 121 8.08 5.81 24.06
C MET C 121 8.27 5.10 22.73
N LYS C 122 7.98 5.82 21.65
CA LYS C 122 8.20 5.30 20.30
C LYS C 122 9.65 4.86 20.12
N GLY C 123 10.56 5.65 20.66
CA GLY C 123 11.98 5.34 20.60
C GLY C 123 12.33 4.09 21.38
N ASP C 124 11.72 3.94 22.56
CA ASP C 124 11.94 2.79 23.42
C ASP C 124 11.52 1.48 22.76
N TYR C 125 10.26 1.41 22.32
CA TYR C 125 9.72 0.17 21.81
C TYR C 125 10.20 -0.12 20.38
N PHE C 126 10.89 0.85 19.79
CA PHE C 126 11.65 0.59 18.56
C PHE C 126 13.01 0.07 18.95
N ARG C 127 13.58 0.65 19.99
CA ARG C 127 14.85 0.20 20.54
C ARG C 127 14.77 -1.26 20.95
N TYR C 128 13.66 -1.63 21.60
CA TYR C 128 13.41 -3.02 21.94
C TYR C 128 13.37 -3.88 20.71
N LEU C 129 12.57 -3.46 19.72
CA LEU C 129 12.40 -4.23 18.50
C LEU C 129 13.73 -4.53 17.82
N SER C 130 14.69 -3.62 17.97
CA SER C 130 15.98 -3.75 17.31
C SER C 130 16.90 -4.72 18.05
N GLU C 131 16.63 -4.95 19.33
CA GLU C 131 17.44 -5.86 20.12
C GLU C 131 17.24 -7.31 19.68
N VAL C 132 16.15 -7.56 18.95
CA VAL C 132 15.89 -8.88 18.39
C VAL C 132 15.67 -8.82 16.89
N ALA C 133 15.89 -7.64 16.31
CA ALA C 133 15.71 -7.45 14.87
C ALA C 133 16.78 -8.22 14.10
N SER C 134 16.48 -8.56 12.85
CA SER C 134 17.35 -9.39 12.03
C SER C 134 17.64 -8.75 10.67
N GLY C 135 18.91 -8.59 10.36
CA GLY C 135 19.33 -8.15 9.05
C GLY C 135 19.01 -6.70 8.75
N ASP C 136 18.15 -6.48 7.76
CA ASP C 136 17.83 -5.13 7.31
C ASP C 136 16.72 -4.50 8.10
N ASN C 137 15.81 -5.33 8.63
CA ASN C 137 14.78 -4.84 9.52
C ASN C 137 15.42 -4.23 10.78
N LYS C 138 16.66 -4.61 11.05
CA LYS C 138 17.45 -4.01 12.12
C LYS C 138 17.83 -2.58 11.81
N GLN C 139 18.58 -2.41 10.72
CA GLN C 139 18.99 -1.09 10.25
C GLN C 139 17.84 -0.10 10.19
N THR C 140 16.67 -0.59 9.78
CA THR C 140 15.46 0.21 9.76
C THR C 140 15.01 0.54 11.18
N THR C 141 14.81 -0.50 11.98
CA THR C 141 14.34 -0.37 13.36
C THR C 141 15.21 0.56 14.19
N VAL C 142 16.52 0.42 14.07
CA VAL C 142 17.46 1.28 14.78
C VAL C 142 17.24 2.74 14.40
N SER C 143 17.23 3.00 13.09
CA SER C 143 17.04 4.35 12.58
C SER C 143 15.71 4.94 13.02
N ASN C 144 14.65 4.13 12.94
CA ASN C 144 13.34 4.56 13.41
C ASN C 144 13.38 4.88 14.90
N SER C 145 14.14 4.10 15.66
CA SER C 145 14.27 4.34 17.09
C SER C 145 14.91 5.68 17.34
N GLN C 146 15.97 5.99 16.60
CA GLN C 146 16.72 7.21 16.80
C GLN C 146 15.94 8.44 16.35
N GLN C 147 15.22 8.33 15.23
CA GLN C 147 14.39 9.42 14.75
C GLN C 147 13.35 9.79 15.81
N ALA C 148 12.74 8.76 16.39
CA ALA C 148 11.75 8.97 17.44
C ALA C 148 12.37 9.74 18.60
N TYR C 149 13.50 9.23 19.10
CA TYR C 149 14.23 9.90 20.17
C TYR C 149 14.59 11.33 19.79
N GLN C 150 15.10 11.50 18.57
CA GLN C 150 15.61 12.80 18.15
C GLN C 150 14.49 13.81 17.95
N GLU C 151 13.37 13.37 17.38
CA GLU C 151 12.20 14.23 17.22
C GLU C 151 11.71 14.68 18.59
N ALA C 152 11.60 13.73 19.50
CA ALA C 152 11.25 14.05 20.88
C ALA C 152 12.19 15.09 21.47
N PHE C 153 13.48 14.83 21.32
CA PHE C 153 14.51 15.59 22.03
C PHE C 153 14.60 17.05 21.63
N GLU C 154 14.23 17.37 20.40
CA GLU C 154 14.26 18.76 19.95
C GLU C 154 13.12 19.55 20.60
N ILE C 155 11.91 18.99 20.59
CA ILE C 155 10.80 19.57 21.32
C ILE C 155 11.18 19.80 22.78
N SER C 156 11.76 18.77 23.39
CA SER C 156 12.13 18.79 24.79
C SER C 156 12.94 20.03 25.17
N LYS C 157 13.92 20.38 24.35
CA LYS C 157 14.75 21.55 24.60
C LYS C 157 13.95 22.84 24.44
N LYS C 158 13.10 22.88 23.43
CA LYS C 158 12.40 24.10 23.05
C LYS C 158 11.29 24.49 24.03
N GLU C 159 10.61 23.51 24.61
CA GLU C 159 9.42 23.77 25.42
C GLU C 159 9.64 23.60 26.92
N MET C 160 10.46 22.62 27.30
CA MET C 160 10.55 22.19 28.68
C MET C 160 11.87 22.59 29.34
N GLN C 161 11.90 22.50 30.66
CA GLN C 161 13.05 22.94 31.45
C GLN C 161 14.02 21.78 31.62
N PRO C 162 15.33 22.07 31.78
CA PRO C 162 16.30 20.99 31.97
C PRO C 162 16.04 20.11 33.19
N THR C 163 15.08 20.47 34.03
CA THR C 163 14.79 19.73 35.26
C THR C 163 13.48 18.95 35.17
N HIS C 164 12.73 19.14 34.09
CA HIS C 164 11.47 18.44 33.93
C HIS C 164 11.72 16.93 33.84
N PRO C 165 11.07 16.13 34.70
CA PRO C 165 11.32 14.68 34.71
C PRO C 165 11.17 14.00 33.36
N ILE C 166 10.38 14.59 32.47
CA ILE C 166 10.16 14.02 31.15
C ILE C 166 11.34 14.31 30.22
N ARG C 167 11.91 15.51 30.35
CA ARG C 167 13.10 15.85 29.59
C ARG C 167 14.28 15.02 30.09
N LEU C 168 14.43 14.95 31.41
CA LEU C 168 15.49 14.16 32.01
C LEU C 168 15.33 12.68 31.68
N GLY C 169 14.08 12.22 31.65
CA GLY C 169 13.78 10.85 31.30
C GLY C 169 14.26 10.51 29.90
N LEU C 170 13.92 11.36 28.95
CA LEU C 170 14.33 11.19 27.56
C LEU C 170 15.85 11.12 27.45
N ALA C 171 16.53 12.01 28.17
CA ALA C 171 17.98 12.04 28.14
C ALA C 171 18.57 10.72 28.62
N LEU C 172 17.87 10.07 29.54
CA LEU C 172 18.35 8.82 30.13
C LEU C 172 18.24 7.64 29.15
N ASN C 173 17.04 7.42 28.64
CA ASN C 173 16.81 6.32 27.71
C ASN C 173 17.53 6.55 26.38
N PHE C 174 17.53 7.80 25.92
CA PHE C 174 18.19 8.14 24.66
C PHE C 174 19.68 7.88 24.77
N SER C 175 20.27 8.17 25.92
CA SER C 175 21.67 7.89 26.15
C SER C 175 21.92 6.38 26.13
N VAL C 176 21.03 5.64 26.78
CA VAL C 176 21.11 4.19 26.78
C VAL C 176 21.07 3.65 25.36
N PHE C 177 20.22 4.24 24.52
CA PHE C 177 20.17 3.88 23.12
C PHE C 177 21.54 4.06 22.49
N TYR C 178 22.14 5.23 22.74
CA TYR C 178 23.46 5.53 22.20
C TYR C 178 24.52 4.54 22.67
N TYR C 179 24.36 4.02 23.87
CA TYR C 179 25.35 3.10 24.43
C TYR C 179 25.12 1.65 24.03
N GLU C 180 23.95 1.12 24.34
CA GLU C 180 23.69 -0.30 24.12
C GLU C 180 23.43 -0.65 22.66
N ILE C 181 22.71 0.20 21.96
CA ILE C 181 22.29 -0.09 20.58
C ILE C 181 23.27 0.45 19.53
N LEU C 182 23.75 1.66 19.72
CA LEU C 182 24.73 2.22 18.78
C LEU C 182 26.15 1.89 19.19
N ASN C 183 26.33 1.29 20.37
CA ASN C 183 27.64 0.91 20.85
C ASN C 183 28.64 2.07 20.75
N SER C 184 28.27 3.19 21.35
CA SER C 184 29.02 4.42 21.21
C SER C 184 28.99 5.25 22.50
N PRO C 185 29.92 4.96 23.43
CA PRO C 185 29.97 5.64 24.73
C PRO C 185 30.04 7.16 24.64
N GLU C 186 30.80 7.67 23.68
CA GLU C 186 30.98 9.12 23.54
C GLU C 186 29.64 9.84 23.47
N LYS C 187 28.79 9.45 22.53
CA LYS C 187 27.47 10.06 22.38
C LYS C 187 26.64 9.88 23.65
N ALA C 188 26.70 8.68 24.23
CA ALA C 188 25.93 8.35 25.41
C ALA C 188 26.37 9.17 26.63
N CYS C 189 27.67 9.11 26.93
CA CYS C 189 28.22 9.88 28.05
C CYS C 189 28.07 11.38 27.81
N SER C 190 28.19 11.80 26.55
CA SER C 190 28.08 13.22 26.20
C SER C 190 26.65 13.70 26.40
N LEU C 191 25.68 12.91 25.96
CA LEU C 191 24.27 13.27 26.12
C LEU C 191 23.87 13.24 27.59
N ALA C 192 24.39 12.26 28.32
CA ALA C 192 24.02 12.09 29.72
C ALA C 192 24.62 13.20 30.59
N LYS C 193 25.87 13.59 30.29
CA LYS C 193 26.54 14.61 31.09
C LYS C 193 25.90 15.98 30.88
N THR C 194 25.56 16.28 29.63
CA THR C 194 24.87 17.53 29.30
C THR C 194 23.53 17.61 30.01
N ALA C 195 22.75 16.55 29.90
CA ALA C 195 21.43 16.48 30.51
C ALA C 195 21.49 16.68 32.03
N PHE C 196 22.66 16.40 32.60
CA PHE C 196 22.86 16.57 34.04
C PHE C 196 23.28 17.99 34.38
N ASP C 197 24.34 18.46 33.72
CA ASP C 197 24.89 19.79 33.98
C ASP C 197 23.83 20.88 33.75
N GLU C 198 22.97 20.66 32.75
CA GLU C 198 21.91 21.61 32.43
C GLU C 198 20.83 21.62 33.50
N ALA C 199 20.64 20.47 34.14
CA ALA C 199 19.60 20.31 35.14
C ALA C 199 20.03 20.91 36.48
N ILE C 200 21.33 20.89 36.76
CA ILE C 200 21.82 21.37 38.04
C ILE C 200 21.98 22.88 38.08
N ALA C 201 22.14 23.51 36.92
CA ALA C 201 22.27 24.95 36.85
C ALA C 201 20.99 25.67 37.26
N GLU C 202 19.88 24.93 37.35
CA GLU C 202 18.57 25.50 37.66
C GLU C 202 17.83 24.69 38.71
N LEU C 203 18.35 24.70 39.94
CA LEU C 203 17.79 23.89 41.02
C LEU C 203 17.18 24.75 42.12
N ASP C 204 17.47 26.03 42.10
CA ASP C 204 16.83 26.95 43.03
C ASP C 204 15.38 27.17 42.60
N THR C 205 15.12 27.02 41.31
CA THR C 205 13.80 27.23 40.74
C THR C 205 12.93 25.97 40.79
N LEU C 206 13.36 24.97 41.55
CA LEU C 206 12.72 23.65 41.51
C LEU C 206 11.58 23.51 42.51
N ASN C 207 10.62 22.67 42.16
CA ASN C 207 9.50 22.33 43.04
C ASN C 207 9.78 21.03 43.79
N GLU C 208 9.53 21.05 45.09
CA GLU C 208 9.78 19.88 45.95
C GLU C 208 8.99 18.65 45.51
N GLU C 209 7.90 18.87 44.77
CA GLU C 209 7.04 17.78 44.32
C GLU C 209 7.81 16.80 43.43
N SER C 210 8.43 17.30 42.38
CA SER C 210 9.17 16.46 41.45
C SER C 210 10.61 16.24 41.89
N TYR C 211 10.98 16.80 43.04
CA TYR C 211 12.36 16.68 43.53
C TYR C 211 12.72 15.21 43.71
N LYS C 212 11.75 14.39 44.11
CA LYS C 212 11.96 12.96 44.22
C LYS C 212 11.99 12.30 42.84
N ASP C 213 11.46 13.00 41.84
CA ASP C 213 11.46 12.50 40.46
C ASP C 213 12.65 13.02 39.67
N SER C 214 12.85 14.33 39.73
CA SER C 214 13.96 14.99 39.04
C SER C 214 15.30 14.37 39.44
N THR C 215 15.61 14.46 40.74
CA THR C 215 16.89 13.97 41.24
C THR C 215 17.06 12.48 40.98
N LEU C 216 15.96 11.73 41.04
CA LEU C 216 16.02 10.28 40.88
C LEU C 216 16.49 9.93 39.48
N ILE C 217 16.04 10.68 38.48
CA ILE C 217 16.54 10.49 37.12
C ILE C 217 17.94 11.10 37.00
N MET C 218 18.15 12.24 37.66
CA MET C 218 19.49 12.83 37.72
C MET C 218 20.46 11.85 38.39
N GLN C 219 19.90 10.98 39.23
CA GLN C 219 20.70 9.94 39.88
C GLN C 219 21.08 8.88 38.86
N LEU C 220 20.07 8.29 38.22
CA LEU C 220 20.28 7.27 37.19
C LEU C 220 21.27 7.74 36.13
N LEU C 221 21.06 8.96 35.65
CA LEU C 221 21.94 9.55 34.65
C LEU C 221 23.39 9.52 35.10
N ARG C 222 23.65 10.04 36.29
CA ARG C 222 25.00 10.13 36.81
C ARG C 222 25.60 8.75 37.08
N ASP C 223 24.73 7.77 37.37
CA ASP C 223 25.19 6.40 37.61
C ASP C 223 25.77 5.78 36.34
N ASN C 224 25.10 5.97 35.21
CA ASN C 224 25.58 5.45 33.95
C ASN C 224 26.84 6.17 33.48
N LEU C 225 26.91 7.47 33.73
CA LEU C 225 28.08 8.27 33.40
C LEU C 225 29.35 7.66 33.98
N THR C 226 29.30 7.32 35.27
CA THR C 226 30.45 6.79 35.98
C THR C 226 30.84 5.41 35.43
N LEU C 227 29.88 4.48 35.43
CA LEU C 227 30.12 3.12 34.97
C LEU C 227 30.73 3.07 33.58
N TRP C 228 30.10 3.77 32.64
CA TRP C 228 30.55 3.80 31.26
C TRP C 228 31.98 4.32 31.11
N THR C 229 32.27 5.47 31.70
CA THR C 229 33.60 6.06 31.61
C THR C 229 34.68 5.15 32.22
N SER C 230 34.25 4.17 33.00
CA SER C 230 35.16 3.18 33.59
C SER C 230 34.83 1.77 33.10
N MET D 1 18.01 9.41 -33.55
CA MET D 1 18.98 10.01 -32.64
C MET D 1 19.56 8.97 -31.68
N ASP D 2 20.88 8.78 -31.77
CA ASP D 2 21.57 7.93 -30.82
C ASP D 2 21.68 8.66 -29.49
N LYS D 3 21.56 7.92 -28.39
CA LYS D 3 21.68 8.52 -27.06
C LYS D 3 22.96 9.32 -26.91
N SER D 4 24.01 8.88 -27.60
CA SER D 4 25.29 9.58 -27.59
C SER D 4 25.12 11.02 -28.08
N GLU D 5 24.32 11.18 -29.11
CA GLU D 5 24.06 12.51 -29.68
C GLU D 5 23.18 13.33 -28.76
N LEU D 6 22.10 12.73 -28.26
CA LEU D 6 21.19 13.41 -27.35
C LEU D 6 21.93 13.88 -26.10
N VAL D 7 22.58 12.95 -25.42
CA VAL D 7 23.33 13.25 -24.20
C VAL D 7 24.37 14.34 -24.43
N GLN D 8 25.07 14.27 -25.56
CA GLN D 8 26.10 15.25 -25.88
C GLN D 8 25.50 16.64 -26.04
N LYS D 9 24.36 16.72 -26.73
CA LYS D 9 23.67 17.98 -26.89
C LYS D 9 23.28 18.55 -25.52
N ALA D 10 22.88 17.66 -24.60
CA ALA D 10 22.50 18.06 -23.25
C ALA D 10 23.68 18.62 -22.47
N LYS D 11 24.84 18.00 -22.64
CA LYS D 11 26.06 18.46 -21.98
C LYS D 11 26.42 19.85 -22.50
N LEU D 12 26.21 20.08 -23.78
CA LEU D 12 26.42 21.41 -24.38
C LEU D 12 25.42 22.41 -23.79
N ALA D 13 24.15 22.05 -23.84
CA ALA D 13 23.08 22.89 -23.33
C ALA D 13 23.36 23.33 -21.90
N GLU D 14 23.86 22.40 -21.09
CA GLU D 14 24.21 22.69 -19.70
C GLU D 14 25.25 23.80 -19.63
N GLN D 15 26.28 23.70 -20.47
CA GLN D 15 27.35 24.69 -20.48
C GLN D 15 26.83 26.04 -20.95
N ALA D 16 25.99 26.02 -21.98
CA ALA D 16 25.42 27.24 -22.55
C ALA D 16 24.31 27.80 -21.65
N GLU D 17 23.97 27.06 -20.61
CA GLU D 17 22.93 27.45 -19.66
C GLU D 17 21.58 27.63 -20.36
N ARG D 18 21.35 26.80 -21.38
CA ARG D 18 20.05 26.73 -22.04
C ARG D 18 19.35 25.46 -21.58
N TYR D 19 18.89 25.46 -20.33
CA TYR D 19 18.44 24.25 -19.66
C TYR D 19 17.16 23.66 -20.27
N ASP D 20 16.49 24.41 -21.13
CA ASP D 20 15.32 23.91 -21.84
C ASP D 20 15.73 22.95 -22.95
N ASP D 21 16.85 23.25 -23.61
CA ASP D 21 17.42 22.33 -24.57
C ASP D 21 17.93 21.08 -23.85
N MET D 22 18.50 21.29 -22.67
CA MET D 22 18.98 20.21 -21.83
C MET D 22 17.81 19.33 -21.39
N ALA D 23 16.73 19.97 -20.97
CA ALA D 23 15.54 19.25 -20.51
C ALA D 23 14.85 18.53 -21.67
N ALA D 24 14.96 19.11 -22.86
CA ALA D 24 14.38 18.48 -24.05
C ALA D 24 15.22 17.28 -24.46
N ALA D 25 16.54 17.44 -24.38
CA ALA D 25 17.48 16.37 -24.72
C ALA D 25 17.25 15.13 -23.87
N MET D 26 17.40 15.28 -22.57
CA MET D 26 17.28 14.17 -21.64
C MET D 26 15.87 13.56 -21.65
N LYS D 27 14.87 14.34 -22.01
CA LYS D 27 13.52 13.82 -22.09
C LYS D 27 13.44 12.73 -23.15
N ALA D 28 13.93 13.04 -24.35
CA ALA D 28 13.91 12.09 -25.46
C ALA D 28 14.75 10.86 -25.14
N VAL D 29 15.87 11.06 -24.45
CA VAL D 29 16.72 9.95 -24.03
C VAL D 29 15.92 8.96 -23.20
N THR D 30 15.30 9.47 -22.14
CA THR D 30 14.50 8.64 -21.24
C THR D 30 13.38 7.95 -22.00
N GLU D 31 12.76 8.68 -22.92
CA GLU D 31 11.64 8.15 -23.68
C GLU D 31 12.02 6.97 -24.58
N GLN D 32 13.33 6.74 -24.75
CA GLN D 32 13.79 5.63 -25.56
C GLN D 32 13.54 4.29 -24.86
N GLY D 33 13.45 4.34 -23.53
CA GLY D 33 12.98 3.18 -22.76
C GLY D 33 14.06 2.32 -22.13
N HIS D 34 15.28 2.84 -22.04
CA HIS D 34 16.37 2.12 -21.40
C HIS D 34 16.81 2.84 -20.13
N GLU D 35 17.25 2.06 -19.14
CA GLU D 35 17.75 2.61 -17.88
C GLU D 35 18.81 3.67 -18.14
N LEU D 36 18.85 4.68 -17.27
CA LEU D 36 19.78 5.79 -17.44
C LEU D 36 21.10 5.54 -16.73
N SER D 37 22.20 5.81 -17.42
CA SER D 37 23.52 5.77 -16.80
C SER D 37 23.55 6.81 -15.70
N ASN D 38 24.43 6.64 -14.73
CA ASN D 38 24.51 7.54 -13.59
C ASN D 38 24.76 8.99 -14.00
N GLU D 39 25.38 9.18 -15.17
CA GLU D 39 25.61 10.51 -15.70
C GLU D 39 24.37 11.03 -16.42
N GLU D 40 23.78 10.17 -17.24
CA GLU D 40 22.54 10.50 -17.94
C GLU D 40 21.45 10.83 -16.92
N ARG D 41 21.50 10.13 -15.78
CA ARG D 41 20.55 10.33 -14.71
C ARG D 41 20.75 11.69 -14.06
N ASN D 42 22.00 12.07 -13.86
CA ASN D 42 22.34 13.35 -13.23
C ASN D 42 22.10 14.51 -14.20
N LEU D 43 22.26 14.27 -15.49
CA LEU D 43 21.96 15.30 -16.48
C LEU D 43 20.48 15.66 -16.45
N LEU D 44 19.62 14.65 -16.48
CA LEU D 44 18.17 14.86 -16.42
C LEU D 44 17.77 15.63 -15.17
N SER D 45 18.27 15.19 -14.02
CA SER D 45 17.97 15.81 -12.74
C SER D 45 18.34 17.29 -12.74
N VAL D 46 19.58 17.60 -13.16
CA VAL D 46 20.06 18.99 -13.15
C VAL D 46 19.32 19.83 -14.18
N ALA D 47 18.91 19.19 -15.28
CA ALA D 47 18.14 19.88 -16.30
C ALA D 47 16.83 20.42 -15.73
N TYR D 48 15.91 19.50 -15.41
CA TYR D 48 14.59 19.89 -14.93
C TYR D 48 14.62 20.65 -13.61
N LYS D 49 15.75 20.60 -12.91
CA LYS D 49 15.89 21.36 -11.66
C LYS D 49 16.02 22.85 -11.93
N ASN D 50 16.81 23.20 -12.95
CA ASN D 50 16.96 24.59 -13.35
C ASN D 50 15.70 25.09 -14.05
N VAL D 51 15.12 24.23 -14.88
CA VAL D 51 13.92 24.56 -15.64
C VAL D 51 12.75 24.89 -14.71
N VAL D 52 12.71 24.23 -13.56
CA VAL D 52 11.60 24.40 -12.63
C VAL D 52 11.93 25.43 -11.55
N GLY D 53 13.18 25.42 -11.07
CA GLY D 53 13.61 26.38 -10.08
C GLY D 53 13.45 27.80 -10.60
N ALA D 54 13.48 27.91 -11.92
CA ALA D 54 13.27 29.19 -12.59
C ALA D 54 11.88 29.73 -12.28
N ARG D 55 10.88 28.88 -12.42
CA ARG D 55 9.48 29.27 -12.21
C ARG D 55 9.19 29.51 -10.74
N ARG D 56 9.70 28.64 -9.87
CA ARG D 56 9.52 28.79 -8.44
C ARG D 56 9.97 30.16 -7.97
N SER D 57 11.21 30.52 -8.30
CA SER D 57 11.77 31.81 -7.92
C SER D 57 10.98 32.95 -8.56
N SER D 58 10.57 32.75 -9.80
CA SER D 58 9.73 33.73 -10.50
C SER D 58 8.38 33.85 -9.80
N TRP D 59 7.76 32.71 -9.56
CA TRP D 59 6.48 32.65 -8.85
C TRP D 59 6.58 33.31 -7.49
N ARG D 60 7.65 32.99 -6.76
CA ARG D 60 7.86 33.56 -5.43
C ARG D 60 7.96 35.08 -5.46
N VAL D 61 8.63 35.60 -6.49
CA VAL D 61 8.77 37.05 -6.65
C VAL D 61 7.42 37.70 -6.90
N ILE D 62 6.69 37.21 -7.90
CA ILE D 62 5.37 37.74 -8.23
C ILE D 62 4.45 37.72 -7.01
N SER D 63 4.53 36.64 -6.23
CA SER D 63 3.73 36.53 -5.01
C SER D 63 4.04 37.66 -4.05
N SER D 64 5.33 37.83 -3.73
CA SER D 64 5.77 38.84 -2.78
C SER D 64 5.49 40.27 -3.26
N ILE D 65 5.28 40.44 -4.56
CA ILE D 65 4.87 41.72 -5.11
C ILE D 65 3.36 41.86 -5.00
N GLU D 66 2.65 40.77 -5.30
CA GLU D 66 1.22 40.70 -5.04
C GLU D 66 0.94 40.83 -3.53
N GLN D 67 1.96 40.56 -2.73
CA GLN D 67 1.86 40.64 -1.29
C GLN D 67 1.75 42.09 -0.80
N LYS D 68 2.26 43.02 -1.61
CA LYS D 68 2.26 44.43 -1.26
C LYS D 68 0.97 45.13 -1.72
N THR D 69 0.71 46.29 -1.14
CA THR D 69 -0.55 47.00 -1.40
C THR D 69 -0.63 47.52 -2.83
N GLU D 70 -1.85 47.56 -3.36
CA GLU D 70 -2.10 48.13 -4.67
C GLU D 70 -3.55 48.60 -4.79
N ARG D 71 -3.73 49.92 -4.80
CA ARG D 71 -5.06 50.51 -4.95
C ARG D 71 -5.52 50.45 -6.40
N ASN D 72 -4.59 50.12 -7.30
CA ASN D 72 -4.90 50.00 -8.73
C ASN D 72 -5.43 48.61 -9.04
N GLU D 73 -6.66 48.56 -9.53
CA GLU D 73 -7.33 47.29 -9.79
C GLU D 73 -6.63 46.51 -10.89
N LYS D 74 -6.38 47.16 -12.02
CA LYS D 74 -5.68 46.52 -13.14
C LYS D 74 -4.37 45.90 -12.65
N LYS D 75 -3.57 46.67 -11.91
CA LYS D 75 -2.27 46.19 -11.45
C LYS D 75 -2.39 44.93 -10.60
N GLN D 76 -3.32 44.93 -9.64
CA GLN D 76 -3.56 43.76 -8.82
C GLN D 76 -4.12 42.63 -9.68
N GLN D 77 -4.72 43.00 -10.82
CA GLN D 77 -5.27 42.01 -11.75
C GLN D 77 -4.18 41.33 -12.57
N MET D 78 -3.33 42.13 -13.21
CA MET D 78 -2.21 41.60 -13.99
C MET D 78 -1.36 40.72 -13.09
N GLY D 79 -1.14 41.19 -11.86
CA GLY D 79 -0.35 40.48 -10.87
C GLY D 79 -0.87 39.08 -10.61
N LYS D 80 -2.19 38.95 -10.54
CA LYS D 80 -2.80 37.64 -10.33
C LYS D 80 -2.80 36.81 -11.60
N GLU D 81 -2.93 37.48 -12.74
CA GLU D 81 -2.87 36.81 -14.02
C GLU D 81 -1.48 36.20 -14.23
N TYR D 82 -0.45 36.99 -13.95
CA TYR D 82 0.93 36.54 -14.15
C TYR D 82 1.30 35.46 -13.15
N ARG D 83 0.91 35.65 -11.90
CA ARG D 83 1.15 34.64 -10.87
C ARG D 83 0.51 33.32 -11.25
N GLU D 84 -0.55 33.39 -12.05
CA GLU D 84 -1.25 32.18 -12.51
C GLU D 84 -0.66 31.69 -13.83
N LYS D 85 -0.09 32.61 -14.60
CA LYS D 85 0.57 32.24 -15.84
C LYS D 85 1.80 31.40 -15.53
N ILE D 86 2.55 31.81 -14.52
CA ILE D 86 3.75 31.10 -14.11
C ILE D 86 3.39 29.73 -13.54
N GLU D 87 2.32 29.68 -12.76
CA GLU D 87 1.89 28.42 -12.17
C GLU D 87 1.55 27.41 -13.25
N ALA D 88 0.78 27.82 -14.25
CA ALA D 88 0.43 26.94 -15.36
C ALA D 88 1.67 26.28 -15.96
N GLU D 89 2.72 27.07 -16.14
CA GLU D 89 3.99 26.55 -16.63
C GLU D 89 4.58 25.57 -15.62
N LEU D 90 4.64 26.00 -14.37
CA LEU D 90 5.15 25.18 -13.28
C LEU D 90 4.43 23.85 -13.24
N GLN D 91 3.11 23.88 -13.33
CA GLN D 91 2.29 22.69 -13.36
C GLN D 91 2.66 21.81 -14.56
N ASP D 92 2.97 22.43 -15.69
CA ASP D 92 3.30 21.70 -16.90
C ASP D 92 4.67 21.02 -16.79
N ILE D 93 5.64 21.74 -16.25
CA ILE D 93 6.99 21.19 -16.05
C ILE D 93 6.93 19.98 -15.12
N CYS D 94 6.24 20.13 -14.01
CA CYS D 94 6.20 19.07 -13.01
C CYS D 94 5.53 17.80 -13.53
N ASN D 95 4.42 17.97 -14.24
CA ASN D 95 3.71 16.82 -14.78
C ASN D 95 4.52 16.12 -15.87
N ASP D 96 5.53 16.80 -16.41
CA ASP D 96 6.39 16.21 -17.43
C ASP D 96 7.41 15.28 -16.80
N VAL D 97 8.07 15.73 -15.74
CA VAL D 97 9.01 14.90 -15.01
C VAL D 97 8.26 13.72 -14.43
N LEU D 98 7.19 14.02 -13.70
CA LEU D 98 6.36 12.98 -13.10
C LEU D 98 5.84 11.98 -14.12
N GLU D 99 5.75 12.41 -15.37
CA GLU D 99 5.31 11.52 -16.45
C GLU D 99 6.46 10.57 -16.83
N LEU D 100 7.67 11.12 -16.95
CA LEU D 100 8.83 10.30 -17.27
C LEU D 100 9.13 9.31 -16.14
N LEU D 101 8.93 9.75 -14.91
CA LEU D 101 9.21 8.92 -13.75
C LEU D 101 8.30 7.69 -13.73
N ASP D 102 7.00 7.92 -13.83
CA ASP D 102 6.02 6.84 -13.71
C ASP D 102 5.89 5.96 -14.95
N LYS D 103 6.41 6.44 -16.07
CA LYS D 103 6.23 5.75 -17.36
C LYS D 103 7.47 4.97 -17.77
N TYR D 104 8.66 5.51 -17.48
CA TYR D 104 9.92 4.90 -17.91
C TYR D 104 10.86 4.57 -16.77
N LEU D 105 11.14 5.57 -15.93
CA LEU D 105 12.23 5.47 -14.96
C LEU D 105 11.92 4.52 -13.80
N ILE D 106 10.84 4.77 -13.07
CA ILE D 106 10.47 3.91 -11.93
C ILE D 106 10.08 2.49 -12.38
N PRO D 107 9.26 2.36 -13.45
CA PRO D 107 8.88 0.99 -13.82
C PRO D 107 10.05 0.15 -14.33
N ASN D 108 11.16 0.79 -14.69
CA ASN D 108 12.37 0.09 -15.12
C ASN D 108 13.48 0.24 -14.09
N ALA D 109 13.17 0.85 -12.96
CA ALA D 109 14.11 0.93 -11.84
C ALA D 109 14.45 -0.48 -11.36
N THR D 110 15.67 -0.91 -11.66
CA THR D 110 16.10 -2.27 -11.39
C THR D 110 16.91 -2.34 -10.10
N GLN D 111 17.84 -1.39 -9.94
CA GLN D 111 18.75 -1.39 -8.81
C GLN D 111 18.21 -0.52 -7.67
N PRO D 112 18.74 -0.70 -6.45
CA PRO D 112 18.24 0.11 -5.33
C PRO D 112 18.59 1.58 -5.49
N GLU D 113 19.82 1.86 -5.90
CA GLU D 113 20.28 3.24 -6.05
C GLU D 113 19.42 4.04 -7.02
N SER D 114 19.09 3.46 -8.16
CA SER D 114 18.24 4.14 -9.12
C SER D 114 16.81 4.27 -8.61
N LYS D 115 16.34 3.23 -7.92
CA LYS D 115 14.96 3.19 -7.47
C LYS D 115 14.67 4.23 -6.38
N VAL D 116 15.65 4.49 -5.52
CA VAL D 116 15.47 5.51 -4.49
C VAL D 116 15.55 6.91 -5.11
N PHE D 117 16.48 7.08 -6.03
CA PHE D 117 16.72 8.38 -6.66
C PHE D 117 15.49 8.90 -7.40
N TYR D 118 14.86 8.05 -8.20
CA TYR D 118 13.68 8.44 -8.96
C TYR D 118 12.47 8.61 -8.05
N LEU D 119 12.43 7.86 -6.95
CA LEU D 119 11.34 8.00 -5.99
C LEU D 119 11.45 9.33 -5.25
N LYS D 120 12.67 9.74 -4.94
CA LYS D 120 12.91 11.03 -4.30
C LYS D 120 12.44 12.14 -5.24
N MET D 121 12.82 12.03 -6.50
CA MET D 121 12.43 12.98 -7.54
C MET D 121 10.91 13.07 -7.64
N LYS D 122 10.25 11.93 -7.44
CA LYS D 122 8.80 11.89 -7.43
C LYS D 122 8.29 12.74 -6.28
N GLY D 123 8.90 12.58 -5.11
CA GLY D 123 8.56 13.38 -3.95
C GLY D 123 8.88 14.85 -4.16
N ASP D 124 9.97 15.12 -4.86
CA ASP D 124 10.39 16.49 -5.14
C ASP D 124 9.38 17.26 -5.98
N TYR D 125 9.05 16.73 -7.15
CA TYR D 125 8.23 17.47 -8.09
C TYR D 125 6.75 17.43 -7.71
N PHE D 126 6.39 16.58 -6.75
CA PHE D 126 5.06 16.63 -6.16
C PHE D 126 5.04 17.67 -5.04
N ARG D 127 6.20 17.84 -4.40
CA ARG D 127 6.36 18.89 -3.40
C ARG D 127 6.30 20.25 -4.10
N TYR D 128 6.87 20.31 -5.30
CA TYR D 128 6.81 21.53 -6.11
C TYR D 128 5.38 21.89 -6.41
N LEU D 129 4.65 20.93 -6.97
CA LEU D 129 3.25 21.16 -7.33
C LEU D 129 2.45 21.61 -6.12
N SER D 130 2.90 21.23 -4.93
CA SER D 130 2.20 21.57 -3.70
C SER D 130 2.40 23.03 -3.31
N GLU D 131 3.49 23.63 -3.77
CA GLU D 131 3.79 25.01 -3.41
C GLU D 131 2.85 25.99 -4.13
N VAL D 132 2.25 25.53 -5.22
CA VAL D 132 1.31 26.34 -5.98
C VAL D 132 -0.04 25.63 -6.13
N ALA D 133 -0.37 24.81 -5.14
CA ALA D 133 -1.62 24.05 -5.15
C ALA D 133 -2.66 24.70 -4.25
N SER D 134 -3.93 24.31 -4.45
CA SER D 134 -5.03 24.85 -3.67
C SER D 134 -6.15 23.82 -3.52
N GLY D 135 -6.84 23.87 -2.37
CA GLY D 135 -7.97 23.00 -2.13
C GLY D 135 -7.61 21.53 -2.14
N ASP D 136 -8.54 20.71 -2.64
CA ASP D 136 -8.33 19.27 -2.76
C ASP D 136 -7.00 18.96 -3.44
N ASN D 137 -6.70 19.73 -4.48
CA ASN D 137 -5.46 19.57 -5.24
C ASN D 137 -4.24 19.58 -4.33
N LYS D 138 -4.17 20.57 -3.45
CA LYS D 138 -3.04 20.69 -2.53
C LYS D 138 -2.92 19.48 -1.62
N GLN D 139 -4.01 19.11 -0.96
CA GLN D 139 -4.02 17.93 -0.11
C GLN D 139 -3.62 16.69 -0.89
N THR D 140 -4.10 16.60 -2.13
CA THR D 140 -3.79 15.47 -3.00
C THR D 140 -2.29 15.39 -3.30
N THR D 141 -1.67 16.55 -3.52
CA THR D 141 -0.27 16.59 -3.93
C THR D 141 0.68 16.38 -2.74
N VAL D 142 0.42 17.07 -1.64
CA VAL D 142 1.23 16.91 -0.43
C VAL D 142 1.26 15.45 0.00
N SER D 143 0.17 14.74 -0.31
CA SER D 143 0.09 13.32 -0.03
C SER D 143 1.03 12.51 -0.92
N ASN D 144 0.75 12.50 -2.22
CA ASN D 144 1.57 11.82 -3.21
C ASN D 144 3.05 12.16 -3.02
N SER D 145 3.32 13.41 -2.63
CA SER D 145 4.67 13.85 -2.32
C SER D 145 5.23 13.07 -1.15
N GLN D 146 4.53 13.11 -0.03
CA GLN D 146 4.99 12.45 1.19
C GLN D 146 5.14 10.94 1.01
N GLN D 147 4.20 10.34 0.28
CA GLN D 147 4.25 8.90 0.04
C GLN D 147 5.56 8.52 -0.62
N ALA D 148 5.88 9.17 -1.74
CA ALA D 148 7.06 8.84 -2.52
C ALA D 148 8.33 9.11 -1.72
N TYR D 149 8.29 10.15 -0.90
CA TYR D 149 9.42 10.46 -0.04
C TYR D 149 9.68 9.36 0.97
N GLN D 150 8.61 8.78 1.52
CA GLN D 150 8.73 7.75 2.55
C GLN D 150 9.06 6.38 1.95
N GLU D 151 8.41 6.06 0.83
CA GLU D 151 8.69 4.82 0.11
C GLU D 151 10.15 4.78 -0.31
N ALA D 152 10.70 5.95 -0.62
CA ALA D 152 12.11 6.09 -0.93
C ALA D 152 12.93 5.90 0.33
N PHE D 153 12.39 6.35 1.46
CA PHE D 153 13.13 6.41 2.71
C PHE D 153 13.51 5.03 3.24
N GLU D 154 12.51 4.19 3.47
CA GLU D 154 12.73 2.85 4.01
C GLU D 154 13.68 2.04 3.12
N ILE D 155 13.44 2.08 1.82
CA ILE D 155 14.30 1.38 0.86
C ILE D 155 15.76 1.76 1.06
N SER D 156 16.02 3.04 1.28
CA SER D 156 17.39 3.52 1.47
C SER D 156 17.92 3.08 2.83
N LYS D 157 17.07 3.14 3.84
CA LYS D 157 17.45 2.70 5.18
C LYS D 157 17.91 1.24 5.17
N LYS D 158 17.24 0.45 4.35
CA LYS D 158 17.60 -0.96 4.18
C LYS D 158 18.80 -1.10 3.25
N GLU D 159 18.66 -0.62 2.02
CA GLU D 159 19.60 -0.94 0.96
C GLU D 159 20.87 -0.09 0.89
N MET D 160 20.86 1.07 1.56
CA MET D 160 21.95 2.04 1.35
C MET D 160 22.81 2.34 2.58
N GLN D 161 24.00 2.84 2.28
CA GLN D 161 24.92 3.32 3.29
C GLN D 161 24.47 4.68 3.80
N PRO D 162 24.62 4.92 5.12
CA PRO D 162 24.32 6.26 5.65
C PRO D 162 25.10 7.38 4.98
N THR D 163 26.21 7.04 4.33
CA THR D 163 27.09 8.02 3.69
C THR D 163 26.90 8.05 2.18
N HIS D 164 25.89 7.33 1.70
CA HIS D 164 25.58 7.30 0.26
C HIS D 164 24.81 8.57 -0.13
N PRO D 165 25.36 9.38 -1.05
CA PRO D 165 24.71 10.65 -1.44
C PRO D 165 23.23 10.53 -1.83
N ILE D 166 22.87 9.45 -2.51
CA ILE D 166 21.48 9.25 -2.93
C ILE D 166 20.56 9.11 -1.71
N ARG D 167 21.13 8.65 -0.59
CA ARG D 167 20.39 8.54 0.66
C ARG D 167 20.46 9.86 1.44
N LEU D 168 21.64 10.47 1.47
CA LEU D 168 21.79 11.78 2.10
C LEU D 168 21.05 12.83 1.30
N GLY D 169 20.81 12.56 0.02
CA GLY D 169 20.00 13.43 -0.81
C GLY D 169 18.55 13.36 -0.38
N LEU D 170 18.02 12.15 -0.28
CA LEU D 170 16.65 11.93 0.14
C LEU D 170 16.39 12.49 1.54
N ALA D 171 17.32 12.25 2.45
CA ALA D 171 17.20 12.72 3.82
C ALA D 171 17.04 14.23 3.86
N LEU D 172 17.89 14.92 3.10
CA LEU D 172 17.84 16.37 3.02
C LEU D 172 16.52 16.87 2.46
N ASN D 173 16.15 16.36 1.29
CA ASN D 173 14.92 16.78 0.63
C ASN D 173 13.67 16.45 1.41
N PHE D 174 13.58 15.21 1.90
CA PHE D 174 12.42 14.79 2.67
C PHE D 174 12.27 15.67 3.91
N SER D 175 13.38 15.99 4.55
CA SER D 175 13.37 16.85 5.73
C SER D 175 12.94 18.27 5.35
N VAL D 176 13.37 18.71 4.18
CA VAL D 176 12.96 20.02 3.68
C VAL D 176 11.45 20.04 3.45
N PHE D 177 10.92 18.93 2.92
CA PHE D 177 9.48 18.82 2.72
C PHE D 177 8.73 18.99 4.04
N TYR D 178 9.32 18.49 5.12
CA TYR D 178 8.69 18.58 6.43
C TYR D 178 8.65 20.02 6.92
N TYR D 179 9.74 20.75 6.75
CA TYR D 179 9.84 22.09 7.29
C TYR D 179 9.07 23.12 6.47
N GLU D 180 8.87 22.85 5.18
CA GLU D 180 8.29 23.85 4.27
C GLU D 180 6.86 23.55 3.85
N ILE D 181 6.46 22.28 3.86
CA ILE D 181 5.13 21.90 3.38
C ILE D 181 4.21 21.45 4.52
N LEU D 182 4.67 20.49 5.34
CA LEU D 182 3.89 20.08 6.49
C LEU D 182 4.02 21.07 7.64
N ASN D 183 4.92 22.05 7.46
CA ASN D 183 5.25 23.01 8.50
C ASN D 183 5.46 22.34 9.85
N SER D 184 6.38 21.38 9.87
CA SER D 184 6.72 20.65 11.07
C SER D 184 8.23 20.70 11.28
N PRO D 185 8.72 21.75 11.97
CA PRO D 185 10.16 21.93 12.09
C PRO D 185 10.85 20.80 12.83
N GLU D 186 10.11 20.14 13.71
CA GLU D 186 10.70 19.12 14.58
C GLU D 186 10.97 17.81 13.84
N LYS D 187 10.00 17.34 13.06
CA LYS D 187 10.23 16.17 12.21
C LYS D 187 11.34 16.47 11.22
N ALA D 188 11.39 17.74 10.78
CA ALA D 188 12.39 18.17 9.81
C ALA D 188 13.79 18.11 10.40
N CYS D 189 13.98 18.69 11.58
CA CYS D 189 15.27 18.64 12.25
C CYS D 189 15.59 17.21 12.68
N SER D 190 14.56 16.50 13.14
CA SER D 190 14.68 15.09 13.51
C SER D 190 15.24 14.26 12.38
N LEU D 191 14.55 14.29 11.25
CA LEU D 191 14.91 13.49 10.09
C LEU D 191 16.30 13.81 9.58
N ALA D 192 16.72 15.06 9.75
CA ALA D 192 17.97 15.54 9.21
C ALA D 192 19.16 15.21 10.11
N LYS D 193 19.01 15.42 11.42
CA LYS D 193 20.12 15.20 12.33
C LYS D 193 20.46 13.72 12.43
N THR D 194 19.44 12.87 12.33
CA THR D 194 19.65 11.42 12.30
C THR D 194 20.50 11.07 11.09
N ALA D 195 20.07 11.54 9.91
CA ALA D 195 20.76 11.25 8.66
C ALA D 195 22.21 11.71 8.71
N PHE D 196 22.45 12.86 9.32
CA PHE D 196 23.79 13.40 9.47
C PHE D 196 24.61 12.55 10.43
N ASP D 197 24.04 12.24 11.60
CA ASP D 197 24.75 11.46 12.61
C ASP D 197 25.03 10.04 12.15
N GLU D 198 24.16 9.50 11.32
CA GLU D 198 24.37 8.16 10.78
C GLU D 198 25.52 8.19 9.78
N ALA D 199 25.76 9.35 9.18
CA ALA D 199 26.83 9.49 8.21
C ALA D 199 28.19 9.56 8.89
N ILE D 200 28.29 10.35 9.95
CA ILE D 200 29.56 10.51 10.67
C ILE D 200 30.02 9.19 11.30
N ALA D 201 29.04 8.40 11.75
CA ALA D 201 29.32 7.16 12.48
C ALA D 201 30.06 6.15 11.60
N GLU D 202 30.01 6.37 10.28
CA GLU D 202 30.67 5.47 9.33
C GLU D 202 31.25 6.27 8.17
N LEU D 203 31.63 7.52 8.44
CA LEU D 203 32.27 8.39 7.46
C LEU D 203 33.59 7.78 6.96
N ASP D 204 34.13 6.84 7.74
CA ASP D 204 35.37 6.15 7.40
C ASP D 204 35.17 4.96 6.45
N THR D 205 33.97 4.36 6.45
CA THR D 205 33.68 3.20 5.61
C THR D 205 33.32 3.60 4.17
N LEU D 206 34.00 4.62 3.65
CA LEU D 206 33.52 5.36 2.49
C LEU D 206 34.41 5.25 1.25
N ASN D 207 34.28 6.23 0.36
CA ASN D 207 34.93 6.24 -0.95
C ASN D 207 35.24 7.68 -1.30
N GLU D 208 36.36 7.94 -1.98
CA GLU D 208 36.76 9.31 -2.29
C GLU D 208 36.02 9.88 -3.51
N GLU D 209 35.21 9.06 -4.16
CA GLU D 209 34.41 9.50 -5.31
C GLU D 209 33.41 10.56 -4.91
N SER D 210 32.56 10.19 -3.97
CA SER D 210 31.46 11.04 -3.53
C SER D 210 31.64 11.51 -2.10
N TYR D 211 32.82 11.27 -1.51
CA TYR D 211 33.13 11.77 -0.18
C TYR D 211 32.77 13.23 -0.11
N LYS D 212 33.17 13.98 -1.13
CA LYS D 212 32.94 15.41 -1.16
C LYS D 212 31.45 15.71 -1.12
N ASP D 213 30.72 15.21 -2.13
CA ASP D 213 29.28 15.39 -2.17
C ASP D 213 28.67 14.90 -0.86
N SER D 214 29.08 13.69 -0.46
CA SER D 214 28.63 13.12 0.81
C SER D 214 28.79 14.11 1.95
N THR D 215 29.95 14.75 2.03
CA THR D 215 30.20 15.73 3.08
C THR D 215 29.49 17.05 2.77
N LEU D 216 29.43 17.41 1.49
CA LEU D 216 28.71 18.60 1.08
C LEU D 216 27.23 18.43 1.43
N ILE D 217 26.64 17.33 0.99
CA ILE D 217 25.26 17.03 1.34
C ILE D 217 25.11 16.99 2.86
N MET D 218 26.08 16.38 3.54
CA MET D 218 26.12 16.41 5.00
C MET D 218 26.22 17.84 5.50
N GLN D 219 26.92 18.69 4.73
CA GLN D 219 27.06 20.09 5.06
C GLN D 219 25.74 20.82 4.83
N LEU D 220 25.08 20.49 3.73
CA LEU D 220 23.78 21.08 3.44
C LEU D 220 22.78 20.71 4.54
N LEU D 221 22.92 19.49 5.06
CA LEU D 221 22.07 19.05 6.15
C LEU D 221 22.29 19.89 7.40
N ARG D 222 23.55 20.07 7.79
CA ARG D 222 23.90 20.91 8.93
C ARG D 222 23.38 22.33 8.71
N ASP D 223 23.69 22.86 7.54
CA ASP D 223 23.20 24.18 7.14
C ASP D 223 21.73 24.38 7.40
N ASN D 224 20.90 23.57 6.74
CA ASN D 224 19.47 23.62 6.97
C ASN D 224 19.14 23.57 8.46
N LEU D 225 19.85 22.72 9.19
CA LEU D 225 19.63 22.59 10.62
C LEU D 225 19.98 23.88 11.35
N THR D 226 21.15 24.44 11.04
CA THR D 226 21.58 25.70 11.64
C THR D 226 20.58 26.80 11.26
N LEU D 227 20.08 26.72 10.03
CA LEU D 227 19.21 27.75 9.49
C LEU D 227 17.81 27.68 10.11
N TRP D 228 17.41 26.48 10.50
CA TRP D 228 16.06 26.25 11.01
C TRP D 228 15.95 26.49 12.51
N THR D 229 16.94 26.04 13.26
CA THR D 229 16.94 26.19 14.71
C THR D 229 17.06 27.66 15.10
N SER D 230 15.92 28.36 15.10
CA SER D 230 15.88 29.77 15.47
C SER D 230 14.59 30.10 16.21
N PRO E 3 -25.40 -19.34 4.80
CA PRO E 3 -24.02 -19.06 4.37
C PRO E 3 -23.61 -19.83 3.12
N PRO E 4 -22.59 -19.33 2.39
CA PRO E 4 -22.12 -19.91 1.12
C PRO E 4 -21.22 -21.12 1.31
N VAL E 5 -20.93 -21.84 0.23
CA VAL E 5 -20.06 -23.00 0.30
C VAL E 5 -18.61 -22.66 -0.05
N SER E 6 -17.69 -23.52 0.38
CA SER E 6 -16.26 -23.33 0.08
C SER E 6 -15.49 -24.64 -0.08
N GLN E 7 -14.18 -24.58 0.16
CA GLN E 7 -13.33 -25.72 -0.12
C GLN E 7 -12.05 -25.67 0.73
N ALA E 8 -11.87 -26.72 1.53
CA ALA E 8 -10.58 -27.08 2.12
C ALA E 8 -10.23 -28.50 1.72
N SER E 9 -9.44 -28.65 0.67
CA SER E 9 -8.98 -29.96 0.22
C SER E 9 -8.08 -29.84 -1.00
N SER E 10 -7.06 -30.67 -1.05
CA SER E 10 -6.12 -30.69 -2.16
C SER E 10 -6.13 -32.08 -2.79
N THR E 11 -5.10 -32.38 -3.58
CA THR E 11 -5.08 -33.63 -4.34
C THR E 11 -3.76 -34.38 -4.15
N PRO F 3 14.38 30.23 2.01
CA PRO F 3 14.85 29.09 1.21
C PRO F 3 15.92 28.23 1.89
N PRO F 4 15.60 26.96 2.18
CA PRO F 4 16.63 26.02 2.64
C PRO F 4 17.42 25.48 1.45
N VAL F 5 18.64 25.01 1.69
CA VAL F 5 19.45 24.46 0.61
C VAL F 5 19.09 23.00 0.33
N SER F 6 19.27 22.59 -0.92
CA SER F 6 19.07 21.19 -1.31
C SER F 6 20.14 20.72 -2.28
N GLN F 7 19.82 19.63 -2.97
CA GLN F 7 20.78 18.96 -3.85
C GLN F 7 20.10 18.37 -5.07
N ALA F 8 20.39 18.98 -6.21
CA ALA F 8 20.02 18.43 -7.51
C ALA F 8 21.28 18.05 -8.28
N SER F 9 21.79 16.85 -8.00
CA SER F 9 22.99 16.31 -8.65
C SER F 9 23.29 14.87 -8.23
N SER F 10 23.70 14.07 -9.22
CA SER F 10 24.13 12.68 -9.01
C SER F 10 25.60 12.57 -9.42
N THR F 11 26.35 11.72 -8.72
CA THR F 11 27.78 11.60 -8.93
C THR F 11 28.10 10.87 -10.23
N PRO G 4 -16.33 -6.13 -36.54
CA PRO G 4 -17.61 -5.97 -35.86
C PRO G 4 -17.70 -4.61 -35.18
N VAL G 5 -18.91 -4.03 -35.13
CA VAL G 5 -19.08 -2.65 -34.70
C VAL G 5 -19.40 -2.52 -33.22
N SER G 6 -19.28 -1.31 -32.68
CA SER G 6 -19.44 -1.08 -31.25
C SER G 6 -19.93 0.34 -30.94
N GLN G 7 -19.67 0.85 -29.73
CA GLN G 7 -20.34 2.06 -29.29
C GLN G 7 -19.58 2.79 -28.21
N ALA G 8 -19.30 4.06 -28.45
CA ALA G 8 -18.80 4.93 -27.39
C ALA G 8 -19.71 6.14 -27.24
N VAL H 5 20.63 1.35 33.80
CA VAL H 5 19.33 1.65 34.39
C VAL H 5 18.57 2.68 33.57
N SER H 6 17.25 2.72 33.75
CA SER H 6 16.38 3.61 32.96
C SER H 6 15.20 4.13 33.79
N GLN H 7 14.24 4.74 33.11
CA GLN H 7 13.09 5.35 33.76
C GLN H 7 11.88 5.40 32.83
N ALA H 8 10.80 4.75 33.24
CA ALA H 8 9.48 4.93 32.63
C ALA H 8 8.42 5.18 33.71
N SER H 9 8.17 6.44 33.99
CA SER H 9 7.20 6.83 35.01
C SER H 9 6.91 8.33 34.91
C1 NAG I . -15.81 -22.71 3.63
C2 NAG I . -14.51 -21.87 3.71
C3 NAG I . -14.64 -20.77 4.76
C4 NAG I . -15.88 -19.94 4.51
C5 NAG I . -17.12 -20.82 4.47
C6 NAG I . -18.35 -20.04 4.07
C7 NAG I . -12.13 -22.44 3.53
C8 NAG I . -11.07 -23.43 3.87
N2 NAG I . -13.36 -22.72 3.99
O3 NAG I . -13.51 -19.91 4.67
O4 NAG I . -16.02 -18.94 5.50
O5 NAG I . -16.95 -21.83 3.47
O6 NAG I . -18.30 -19.71 2.69
O7 NAG I . -11.91 -21.45 2.85
C1 NAG J . 16.75 22.31 -3.80
C2 NAG J . 15.76 21.17 -4.07
C3 NAG J . 14.34 21.72 -4.25
C4 NAG J . 13.94 22.53 -3.03
C5 NAG J . 14.91 23.68 -2.80
C6 NAG J . 14.64 24.39 -1.49
C7 NAG J . 15.88 19.06 -5.31
C8 NAG J . 16.36 18.36 -6.56
N2 NAG J . 16.15 20.36 -5.20
O3 NAG J . 13.44 20.64 -4.45
O4 NAG J . 12.62 23.05 -3.17
O5 NAG J . 16.26 23.19 -2.70
O6 NAG J . 14.78 23.48 -0.41
O7 NAG J . 15.27 18.47 -4.43
C1 NAG K . -15.87 -0.59 -31.16
C2 NAG K . -15.39 -0.63 -29.71
C3 NAG K . -13.94 -1.10 -29.62
C4 NAG K . -13.72 -2.38 -30.45
C5 NAG K . -14.32 -2.24 -31.85
C6 NAG K . -14.29 -3.55 -32.62
C7 NAG K . -15.67 0.79 -27.72
C8 NAG K . -15.82 2.18 -27.21
N2 NAG K . -15.55 0.66 -29.06
O3 NAG K . -13.65 -1.41 -28.27
O4 NAG K . -12.34 -2.66 -30.57
O5 NAG K . -15.69 -1.87 -31.76
O6 NAG K . -15.19 -4.49 -32.05
O7 NAG K . -15.66 -0.19 -26.99
C1 NAG L . 15.46 0.61 31.25
C2 NAG L . 14.72 0.96 29.97
C3 NAG L . 14.98 -0.08 28.89
C4 NAG L . 16.47 -0.33 28.73
C5 NAG L . 17.11 -0.62 30.09
C6 NAG L . 18.60 -0.80 30.01
C7 NAG L . 12.46 1.77 29.44
C8 NAG L . 11.02 1.79 29.86
N2 NAG L . 13.28 1.07 30.22
O3 NAG L . 14.45 0.42 27.67
O4 NAG L . 16.71 -1.46 27.90
O5 NAG L . 16.85 0.46 30.97
O6 NAG L . 19.26 0.38 29.60
O7 NAG L . 12.85 2.36 28.43
#